data_309D
# 
_entry.id   309D 
# 
_audit_conform.dict_name       mmcif_pdbx.dic 
_audit_conform.dict_version    5.387 
_audit_conform.dict_location   http://mmcif.pdb.org/dictionaries/ascii/mmcif_pdbx.dic 
# 
loop_
_database_2.database_id 
_database_2.database_code 
_database_2.pdbx_database_accession 
_database_2.pdbx_DOI 
PDB   309D         pdb_0000309d 10.2210/pdb309d/pdb 
RCSB  UDJ060       ?            ?                   
WWPDB D_1000178777 ?            ?                   
# 
loop_
_pdbx_audit_revision_history.ordinal 
_pdbx_audit_revision_history.data_content_type 
_pdbx_audit_revision_history.major_revision 
_pdbx_audit_revision_history.minor_revision 
_pdbx_audit_revision_history.revision_date 
1 'Structure model' 1 0 1997-01-22 
2 'Structure model' 1 1 2008-05-22 
3 'Structure model' 1 2 2011-07-13 
4 'Structure model' 1 3 2018-02-14 
5 'Structure model' 1 4 2024-02-21 
# 
_pdbx_audit_revision_details.ordinal             1 
_pdbx_audit_revision_details.revision_ordinal    1 
_pdbx_audit_revision_details.data_content_type   'Structure model' 
_pdbx_audit_revision_details.provider            repository 
_pdbx_audit_revision_details.type                'Initial release' 
_pdbx_audit_revision_details.description         ? 
_pdbx_audit_revision_details.details             ? 
# 
loop_
_pdbx_audit_revision_group.ordinal 
_pdbx_audit_revision_group.revision_ordinal 
_pdbx_audit_revision_group.data_content_type 
_pdbx_audit_revision_group.group 
1 2 'Structure model' 'Version format compliance' 
2 3 'Structure model' 'Version format compliance' 
3 4 'Structure model' 'Data collection'           
4 4 'Structure model' 'Experimental preparation'  
5 5 'Structure model' 'Data collection'           
6 5 'Structure model' 'Database references'       
# 
loop_
_pdbx_audit_revision_category.ordinal 
_pdbx_audit_revision_category.revision_ordinal 
_pdbx_audit_revision_category.data_content_type 
_pdbx_audit_revision_category.category 
1 4 'Structure model' diffrn             
2 4 'Structure model' exptl_crystal_grow 
3 5 'Structure model' chem_comp_atom     
4 5 'Structure model' chem_comp_bond     
5 5 'Structure model' database_2         
# 
loop_
_pdbx_audit_revision_item.ordinal 
_pdbx_audit_revision_item.revision_ordinal 
_pdbx_audit_revision_item.data_content_type 
_pdbx_audit_revision_item.item 
1 4 'Structure model' '_diffrn.ambient_temp'                
2 4 'Structure model' '_exptl_crystal_grow.pdbx_details'    
3 4 'Structure model' '_exptl_crystal_grow.temp'            
4 5 'Structure model' '_database_2.pdbx_DOI'                
5 5 'Structure model' '_database_2.pdbx_database_accession' 
# 
_pdbx_database_PDB_obs_spr.id               SPRSDE 
_pdbx_database_PDB_obs_spr.date             1997-02-12 
_pdbx_database_PDB_obs_spr.pdb_id           309D 
_pdbx_database_PDB_obs_spr.replace_pdb_id   273D 
_pdbx_database_PDB_obs_spr.details          ? 
# 
_pdbx_database_status.status_code                     REL 
_pdbx_database_status.entry_id                        309D 
_pdbx_database_status.recvd_initial_deposition_date   1997-01-07 
_pdbx_database_status.deposit_site                    NDB 
_pdbx_database_status.process_site                    NDB 
_pdbx_database_status.SG_entry                        . 
_pdbx_database_status.pdb_format_compatible           Y 
_pdbx_database_status.status_code_mr                  ? 
_pdbx_database_status.status_code_sf                  ? 
_pdbx_database_status.status_code_cs                  ? 
_pdbx_database_status.methods_development_category    ? 
_pdbx_database_status.status_code_nmr_data            ? 
# 
loop_
_audit_author.name 
_audit_author.pdbx_ordinal 
'Qiu, H.X.'    1 
'Dewan, J.C.'  2 
'Seeman, N.C.' 3 
# 
_citation.id                        primary 
_citation.title                     'A DNA decamer with a sticky end: the crystal structure of d-CGACGATCGT.' 
_citation.journal_abbrev            J.Mol.Biol. 
_citation.journal_volume            267 
_citation.page_first                881 
_citation.page_last                 898 
_citation.year                      1997 
_citation.journal_id_ASTM           JMOBAK 
_citation.country                   UK 
_citation.journal_id_ISSN           0022-2836 
_citation.journal_id_CSD            0070 
_citation.book_publisher            ? 
_citation.pdbx_database_id_PubMed   9135119 
_citation.pdbx_database_id_DOI      10.1006/jmbi.1997.0918 
# 
loop_
_citation_author.citation_id 
_citation_author.name 
_citation_author.ordinal 
_citation_author.identifier_ORCID 
primary 'Qiu, H.'      1 ? 
primary 'Dewan, J.C.'  2 ? 
primary 'Seeman, N.C.' 3 ? 
# 
loop_
_entity.id 
_entity.type 
_entity.src_method 
_entity.pdbx_description 
_entity.formula_weight 
_entity.pdbx_number_of_molecules 
_entity.pdbx_ec 
_entity.pdbx_mutation 
_entity.pdbx_fragment 
_entity.details 
1 polymer syn 
;DNA (5'-D(*CP*GP*AP*CP*GP*AP*TP*CP*GP*T)-3')
;
3045.004 2  ? ? ? ? 
2 water   nat water                                          18.015   68 ? ? ? ? 
# 
_entity_poly.entity_id                      1 
_entity_poly.type                           polydeoxyribonucleotide 
_entity_poly.nstd_linkage                   no 
_entity_poly.nstd_monomer                   no 
_entity_poly.pdbx_seq_one_letter_code       '(DC)(DG)(DA)(DC)(DG)(DA)(DT)(DC)(DG)(DT)' 
_entity_poly.pdbx_seq_one_letter_code_can   CGACGATCGT 
_entity_poly.pdbx_strand_id                 A,B 
_entity_poly.pdbx_target_identifier         ? 
# 
_pdbx_entity_nonpoly.entity_id   2 
_pdbx_entity_nonpoly.name        water 
_pdbx_entity_nonpoly.comp_id     HOH 
# 
loop_
_entity_poly_seq.entity_id 
_entity_poly_seq.num 
_entity_poly_seq.mon_id 
_entity_poly_seq.hetero 
1 1  DC n 
1 2  DG n 
1 3  DA n 
1 4  DC n 
1 5  DG n 
1 6  DA n 
1 7  DT n 
1 8  DC n 
1 9  DG n 
1 10 DT n 
# 
loop_
_chem_comp.id 
_chem_comp.type 
_chem_comp.mon_nstd_flag 
_chem_comp.name 
_chem_comp.pdbx_synonyms 
_chem_comp.formula 
_chem_comp.formula_weight 
DA  'DNA linking' y "2'-DEOXYADENOSINE-5'-MONOPHOSPHATE" ? 'C10 H14 N5 O6 P' 331.222 
DC  'DNA linking' y "2'-DEOXYCYTIDINE-5'-MONOPHOSPHATE"  ? 'C9 H14 N3 O7 P'  307.197 
DG  'DNA linking' y "2'-DEOXYGUANOSINE-5'-MONOPHOSPHATE" ? 'C10 H14 N5 O7 P' 347.221 
DT  'DNA linking' y "THYMIDINE-5'-MONOPHOSPHATE"         ? 'C10 H15 N2 O8 P' 322.208 
HOH non-polymer   . WATER                                ? 'H2 O'            18.015  
# 
loop_
_pdbx_poly_seq_scheme.asym_id 
_pdbx_poly_seq_scheme.entity_id 
_pdbx_poly_seq_scheme.seq_id 
_pdbx_poly_seq_scheme.mon_id 
_pdbx_poly_seq_scheme.ndb_seq_num 
_pdbx_poly_seq_scheme.pdb_seq_num 
_pdbx_poly_seq_scheme.auth_seq_num 
_pdbx_poly_seq_scheme.pdb_mon_id 
_pdbx_poly_seq_scheme.auth_mon_id 
_pdbx_poly_seq_scheme.pdb_strand_id 
_pdbx_poly_seq_scheme.pdb_ins_code 
_pdbx_poly_seq_scheme.hetero 
A 1 1  DC 1  1  1  DC C A . n 
A 1 2  DG 2  2  2  DG G A . n 
A 1 3  DA 3  3  3  DA A A . n 
A 1 4  DC 4  4  4  DC C A . n 
A 1 5  DG 5  5  5  DG G A . n 
A 1 6  DA 6  6  6  DA A A . n 
A 1 7  DT 7  7  7  DT T A . n 
A 1 8  DC 8  8  8  DC C A . n 
A 1 9  DG 9  9  9  DG G A . n 
A 1 10 DT 10 10 10 DT T A . n 
B 1 1  DC 1  11 11 DC C B . n 
B 1 2  DG 2  12 12 DG G B . n 
B 1 3  DA 3  13 13 DA A B . n 
B 1 4  DC 4  14 14 DC C B . n 
B 1 5  DG 5  15 15 DG G B . n 
B 1 6  DA 6  16 16 DA A B . n 
B 1 7  DT 7  17 17 DT T B . n 
B 1 8  DC 8  18 18 DC C B . n 
B 1 9  DG 9  19 19 DG G B . n 
B 1 10 DT 10 20 20 DT T B . n 
# 
loop_
_pdbx_nonpoly_scheme.asym_id 
_pdbx_nonpoly_scheme.entity_id 
_pdbx_nonpoly_scheme.mon_id 
_pdbx_nonpoly_scheme.ndb_seq_num 
_pdbx_nonpoly_scheme.pdb_seq_num 
_pdbx_nonpoly_scheme.auth_seq_num 
_pdbx_nonpoly_scheme.pdb_mon_id 
_pdbx_nonpoly_scheme.auth_mon_id 
_pdbx_nonpoly_scheme.pdb_strand_id 
_pdbx_nonpoly_scheme.pdb_ins_code 
C 2 HOH 1  22 22 HOH HOH A . 
C 2 HOH 2  23 23 HOH HOH A . 
C 2 HOH 3  24 24 HOH HOH A . 
C 2 HOH 4  26 26 HOH HOH A . 
C 2 HOH 5  27 27 HOH HOH A . 
C 2 HOH 6  28 28 HOH HOH A . 
C 2 HOH 7  32 32 HOH HOH A . 
C 2 HOH 8  33 33 HOH HOH A . 
C 2 HOH 9  34 34 HOH HOH A . 
C 2 HOH 10 35 35 HOH HOH A . 
C 2 HOH 11 37 37 HOH HOH A . 
C 2 HOH 12 40 40 HOH HOH A . 
C 2 HOH 13 41 41 HOH HOH A . 
C 2 HOH 14 42 42 HOH HOH A . 
C 2 HOH 15 44 44 HOH HOH A . 
C 2 HOH 16 46 46 HOH HOH A . 
C 2 HOH 17 50 50 HOH HOH A . 
C 2 HOH 18 53 53 HOH HOH A . 
C 2 HOH 19 63 63 HOH HOH A . 
C 2 HOH 20 64 64 HOH HOH A . 
C 2 HOH 21 65 65 HOH HOH A . 
C 2 HOH 22 66 66 HOH HOH A . 
C 2 HOH 23 68 68 HOH HOH A . 
C 2 HOH 24 70 70 HOH HOH A . 
C 2 HOH 25 71 71 HOH HOH A . 
C 2 HOH 26 72 72 HOH HOH A . 
C 2 HOH 27 73 73 HOH HOH A . 
C 2 HOH 28 75 75 HOH HOH A . 
C 2 HOH 29 76 76 HOH HOH A . 
C 2 HOH 30 80 80 HOH HOH A . 
C 2 HOH 31 81 81 HOH HOH A . 
C 2 HOH 32 83 83 HOH HOH A . 
C 2 HOH 33 84 84 HOH HOH A . 
C 2 HOH 34 87 87 HOH HOH A . 
C 2 HOH 35 88 88 HOH HOH A . 
D 2 HOH 1  21 21 HOH HOH B . 
D 2 HOH 2  25 25 HOH HOH B . 
D 2 HOH 3  29 29 HOH HOH B . 
D 2 HOH 4  30 30 HOH HOH B . 
D 2 HOH 5  31 31 HOH HOH B . 
D 2 HOH 6  36 36 HOH HOH B . 
D 2 HOH 7  38 38 HOH HOH B . 
D 2 HOH 8  39 39 HOH HOH B . 
D 2 HOH 9  43 43 HOH HOH B . 
D 2 HOH 10 45 45 HOH HOH B . 
D 2 HOH 11 47 47 HOH HOH B . 
D 2 HOH 12 48 48 HOH HOH B . 
D 2 HOH 13 49 49 HOH HOH B . 
D 2 HOH 14 51 51 HOH HOH B . 
D 2 HOH 15 52 52 HOH HOH B . 
D 2 HOH 16 54 54 HOH HOH B . 
D 2 HOH 17 55 55 HOH HOH B . 
D 2 HOH 18 56 56 HOH HOH B . 
D 2 HOH 19 57 57 HOH HOH B . 
D 2 HOH 20 58 58 HOH HOH B . 
D 2 HOH 21 59 59 HOH HOH B . 
D 2 HOH 22 60 60 HOH HOH B . 
D 2 HOH 23 61 61 HOH HOH B . 
D 2 HOH 24 62 62 HOH HOH B . 
D 2 HOH 25 67 67 HOH HOH B . 
D 2 HOH 26 69 69 HOH HOH B . 
D 2 HOH 27 74 74 HOH HOH B . 
D 2 HOH 28 77 77 HOH HOH B . 
D 2 HOH 29 78 78 HOH HOH B . 
D 2 HOH 30 79 79 HOH HOH B . 
D 2 HOH 31 82 82 HOH HOH B . 
D 2 HOH 32 85 85 HOH HOH B . 
D 2 HOH 33 86 86 HOH HOH B . 
# 
_software.name             NUCLSQ 
_software.classification   refinement 
_software.version          . 
_software.citation_id      ? 
_software.pdbx_ordinal     1 
_software.date             ? 
_software.type             ? 
_software.location         ? 
_software.language         ? 
# 
_cell.entry_id           309D 
_cell.length_a           26.450 
_cell.length_b           34.660 
_cell.length_c           32.170 
_cell.angle_alpha        90.00 
_cell.angle_beta         113.40 
_cell.angle_gamma        90.00 
_cell.Z_PDB              4 
_cell.pdbx_unique_axis   ? 
# 
_symmetry.entry_id                         309D 
_symmetry.space_group_name_H-M             'P 1 21 1' 
_symmetry.pdbx_full_space_group_name_H-M   ? 
_symmetry.cell_setting                     ? 
_symmetry.Int_Tables_number                4 
# 
_exptl.entry_id          309D 
_exptl.method            'X-RAY DIFFRACTION' 
_exptl.crystals_number   ? 
# 
_exptl_crystal.id                    1 
_exptl_crystal.density_meas          ? 
_exptl_crystal.density_Matthews      2.22 
_exptl_crystal.density_percent_sol   44.65 
_exptl_crystal.description           ? 
_exptl_crystal.preparation           ? 
# 
_exptl_crystal_grow.crystal_id      1 
_exptl_crystal_grow.method          'VAPOR DIFFUSION, SITTING DROP' 
_exptl_crystal_grow.temp            291 
_exptl_crystal_grow.temp_details    ? 
_exptl_crystal_grow.pH              ? 
_exptl_crystal_grow.pdbx_details    'VAPOR DIFFUSION, SITTING DROP, temperature 291K' 
_exptl_crystal_grow.pdbx_pH_range   ? 
# 
loop_
_exptl_crystal_grow_comp.crystal_id 
_exptl_crystal_grow_comp.id 
_exptl_crystal_grow_comp.sol_id 
_exptl_crystal_grow_comp.name 
_exptl_crystal_grow_comp.volume 
_exptl_crystal_grow_comp.conc 
_exptl_crystal_grow_comp.details 
1 1 1 WATER        ? ? ? 
1 2 1 MPD          ? ? ? 
1 3 1 'MG ACETATE' ? ? ? 
1 4 1 SPERMINE     ? ? ? 
1 5 2 WATER        ? ? ? 
1 6 2 MPD          ? ? ? 
# 
_diffrn.id                     1 
_diffrn.crystal_id             1 
_diffrn.ambient_temp           153 
_diffrn.ambient_temp_details   ? 
# 
_diffrn_detector.diffrn_id              1 
_diffrn_detector.detector               DIFFRACTOMETER 
_diffrn_detector.type                   'RIGAKU AFC-5R' 
_diffrn_detector.pdbx_collection_date   ? 
_diffrn_detector.details                ? 
# 
_diffrn_radiation.diffrn_id                        1 
_diffrn_radiation.wavelength_id                    1 
_diffrn_radiation.pdbx_monochromatic_or_laue_m_l   ? 
_diffrn_radiation.monochromator                    ? 
_diffrn_radiation.pdbx_diffrn_protocol             ? 
_diffrn_radiation.pdbx_scattering_type             x-ray 
# 
_diffrn_radiation_wavelength.id           1 
_diffrn_radiation_wavelength.wavelength   1.5418 
_diffrn_radiation_wavelength.wt           1.0 
# 
_diffrn_source.diffrn_id                   1 
_diffrn_source.source                      'ROTATING ANODE' 
_diffrn_source.type                        'RIGAKU RU200' 
_diffrn_source.pdbx_synchrotron_site       ? 
_diffrn_source.pdbx_synchrotron_beamline   ? 
_diffrn_source.pdbx_wavelength             1.5418 
_diffrn_source.pdbx_wavelength_list        ? 
# 
_reflns.entry_id                     309D 
_reflns.observed_criterion_sigma_I   2.000 
_reflns.observed_criterion_sigma_F   ? 
_reflns.d_resolution_low             ? 
_reflns.d_resolution_high            2.600 
_reflns.number_obs                   1768 
_reflns.number_all                   ? 
_reflns.percent_possible_obs         ? 
_reflns.pdbx_Rmerge_I_obs            ? 
_reflns.pdbx_Rsym_value              ? 
_reflns.pdbx_netI_over_sigmaI        ? 
_reflns.B_iso_Wilson_estimate        ? 
_reflns.pdbx_redundancy              ? 
_reflns.pdbx_diffrn_id               1 
_reflns.pdbx_ordinal                 1 
# 
_reflns_shell.d_res_high             2.600 
_reflns_shell.d_res_low              3.600 
_reflns_shell.percent_possible_all   75.00 
_reflns_shell.Rmerge_I_obs           ? 
_reflns_shell.pdbx_Rsym_value        ? 
_reflns_shell.meanI_over_sigI_obs    ? 
_reflns_shell.pdbx_redundancy        ? 
_reflns_shell.pdbx_diffrn_id         ? 
_reflns_shell.pdbx_ordinal           1 
# 
_refine.entry_id                                 309D 
_refine.ls_number_reflns_obs                     1421 
_refine.ls_number_reflns_all                     ? 
_refine.pdbx_ls_sigma_I                          ? 
_refine.pdbx_ls_sigma_F                          2.000 
_refine.pdbx_data_cutoff_high_absF               ? 
_refine.pdbx_data_cutoff_low_absF                ? 
_refine.pdbx_data_cutoff_high_rms_absF           ? 
_refine.ls_d_res_low                             8.000 
_refine.ls_d_res_high                            2.600 
_refine.ls_percent_reflns_obs                    ? 
_refine.ls_R_factor_obs                          0.2140000 
_refine.ls_R_factor_all                          ? 
_refine.ls_R_factor_R_work                       ? 
_refine.ls_R_factor_R_free                       ? 
_refine.ls_R_factor_R_free_error                 ? 
_refine.ls_R_factor_R_free_error_details         ? 
_refine.ls_percent_reflns_R_free                 ? 
_refine.ls_number_reflns_R_free                  ? 
_refine.ls_number_parameters                     ? 
_refine.ls_number_restraints                     ? 
_refine.occupancy_min                            ? 
_refine.occupancy_max                            ? 
_refine.B_iso_mean                               ? 
_refine.aniso_B[1][1]                            ? 
_refine.aniso_B[2][2]                            ? 
_refine.aniso_B[3][3]                            ? 
_refine.aniso_B[1][2]                            ? 
_refine.aniso_B[1][3]                            ? 
_refine.aniso_B[2][3]                            ? 
_refine.solvent_model_details                    ? 
_refine.solvent_model_param_ksol                 ? 
_refine.solvent_model_param_bsol                 ? 
_refine.pdbx_ls_cross_valid_method               ? 
_refine.details                                  ? 
_refine.pdbx_starting_model                      ? 
_refine.pdbx_method_to_determine_struct          'MOLECULAR REPLACEMENT' 
_refine.pdbx_isotropic_thermal_model             ? 
_refine.pdbx_stereochemistry_target_values       ? 
_refine.pdbx_stereochem_target_val_spec_case     ? 
_refine.pdbx_R_Free_selection_details            ? 
_refine.pdbx_overall_ESU_R                       ? 
_refine.pdbx_overall_ESU_R_Free                  ? 
_refine.overall_SU_ML                            ? 
_refine.overall_SU_B                             ? 
_refine.pdbx_refine_id                           'X-RAY DIFFRACTION' 
_refine.pdbx_diffrn_id                           1 
_refine.pdbx_TLS_residual_ADP_flag               ? 
_refine.correlation_coeff_Fo_to_Fc               ? 
_refine.correlation_coeff_Fo_to_Fc_free          ? 
_refine.pdbx_solvent_vdw_probe_radii             ? 
_refine.pdbx_solvent_ion_probe_radii             ? 
_refine.pdbx_solvent_shrinkage_radii             ? 
_refine.pdbx_overall_phase_error                 ? 
_refine.overall_SU_R_Cruickshank_DPI             ? 
_refine.pdbx_overall_SU_R_free_Cruickshank_DPI   ? 
_refine.pdbx_overall_SU_R_Blow_DPI               ? 
_refine.pdbx_overall_SU_R_free_Blow_DPI          ? 
# 
_refine_hist.pdbx_refine_id                   'X-RAY DIFFRACTION' 
_refine_hist.cycle_id                         LAST 
_refine_hist.pdbx_number_atoms_protein        0 
_refine_hist.pdbx_number_atoms_nucleic_acid   404 
_refine_hist.pdbx_number_atoms_ligand         0 
_refine_hist.number_atoms_solvent             68 
_refine_hist.number_atoms_total               472 
_refine_hist.d_res_high                       2.600 
_refine_hist.d_res_low                        8.000 
# 
loop_
_refine_ls_restr.type 
_refine_ls_restr.dev_ideal 
_refine_ls_restr.dev_ideal_target 
_refine_ls_restr.weight 
_refine_ls_restr.number 
_refine_ls_restr.pdbx_refine_id 
_refine_ls_restr.pdbx_restraint_function 
n_bond_d               ?     ?     ? ? 'X-RAY DIFFRACTION' ? 
n_angle_d              ?     ?     ? ? 'X-RAY DIFFRACTION' ? 
n_planar_d             ?     ?     ? ? 'X-RAY DIFFRACTION' ? 
n_hb_or_metal_coord    ?     ?     ? ? 'X-RAY DIFFRACTION' ? 
n_sugar_bond_it        ?     ?     ? ? 'X-RAY DIFFRACTION' ? 
n_sugar_angle_it       ?     ?     ? ? 'X-RAY DIFFRACTION' ? 
n_phos_bond_it         ?     ?     ? ? 'X-RAY DIFFRACTION' ? 
n_phos_angle_it        ?     ?     ? ? 'X-RAY DIFFRACTION' ? 
n_bond_angle_restr     ?     ?     ? ? 'X-RAY DIFFRACTION' ? 
n_dihedral_angle_restr ?     ?     ? ? 'X-RAY DIFFRACTION' ? 
n_impr_tor             ?     ?     ? ? 'X-RAY DIFFRACTION' ? 
n_sugar_bond_d         0.010 0.020 ? ? 'X-RAY DIFFRACTION' ? 
n_sugar_bond_angle_d   0.023 0.030 ? ? 'X-RAY DIFFRACTION' ? 
n_phos_bond_d          0.023 0.030 ? ? 'X-RAY DIFFRACTION' ? 
n_phos_bond_angle_d    0.031 0.040 ? ? 'X-RAY DIFFRACTION' ? 
n_plane_restr          0.010 0.020 ? ? 'X-RAY DIFFRACTION' ? 
n_chiral_restr         0.090 0.100 ? ? 'X-RAY DIFFRACTION' ? 
n_singtor_nbd          0.075 0.100 ? ? 'X-RAY DIFFRACTION' ? 
n_multtor_nbd          0.090 0.100 ? ? 'X-RAY DIFFRACTION' ? 
n_xhyhbond_nbd         ?     ?     ? ? 'X-RAY DIFFRACTION' ? 
# 
_struct.entry_id                  309D 
_struct.title                     'A DNA DECAMER WITH A STICKY END: THE CRYSTAL STRUCTURE OF D-CGACGATCGT' 
_struct.pdbx_model_details        ? 
_struct.pdbx_CASP_flag            ? 
_struct.pdbx_model_type_details   ? 
# 
_struct_keywords.entry_id        309D 
_struct_keywords.pdbx_keywords   DNA 
_struct_keywords.text            'B-DNA, DOUBLE HELIX, OVERHANGING BASES, CONTINUOUS HELIX, DNA' 
# 
loop_
_struct_asym.id 
_struct_asym.pdbx_blank_PDB_chainid_flag 
_struct_asym.pdbx_modified 
_struct_asym.entity_id 
_struct_asym.details 
A N N 1 ? 
B N N 1 ? 
C N N 2 ? 
D N N 2 ? 
# 
_struct_ref.id                         1 
_struct_ref.entity_id                  1 
_struct_ref.db_name                    PDB 
_struct_ref.db_code                    309D 
_struct_ref.pdbx_db_accession          309D 
_struct_ref.pdbx_db_isoform            ? 
_struct_ref.pdbx_seq_one_letter_code   ? 
_struct_ref.pdbx_align_begin           ? 
# 
loop_
_struct_ref_seq.align_id 
_struct_ref_seq.ref_id 
_struct_ref_seq.pdbx_PDB_id_code 
_struct_ref_seq.pdbx_strand_id 
_struct_ref_seq.seq_align_beg 
_struct_ref_seq.pdbx_seq_align_beg_ins_code 
_struct_ref_seq.seq_align_end 
_struct_ref_seq.pdbx_seq_align_end_ins_code 
_struct_ref_seq.pdbx_db_accession 
_struct_ref_seq.db_align_beg 
_struct_ref_seq.pdbx_db_align_beg_ins_code 
_struct_ref_seq.db_align_end 
_struct_ref_seq.pdbx_db_align_end_ins_code 
_struct_ref_seq.pdbx_auth_seq_align_beg 
_struct_ref_seq.pdbx_auth_seq_align_end 
1 1 309D A 1 ? 10 ? 309D 1  ? 10 ? 1  10 
2 1 309D B 1 ? 10 ? 309D 11 ? 20 ? 11 20 
# 
_pdbx_struct_assembly.id                   1 
_pdbx_struct_assembly.details              author_defined_assembly 
_pdbx_struct_assembly.method_details       ? 
_pdbx_struct_assembly.oligomeric_details   dimeric 
_pdbx_struct_assembly.oligomeric_count     2 
# 
_pdbx_struct_assembly_gen.assembly_id       1 
_pdbx_struct_assembly_gen.oper_expression   1 
_pdbx_struct_assembly_gen.asym_id_list      A,B,C,D 
# 
_pdbx_struct_oper_list.id                   1 
_pdbx_struct_oper_list.type                 'identity operation' 
_pdbx_struct_oper_list.name                 1_555 
_pdbx_struct_oper_list.symmetry_operation   x,y,z 
_pdbx_struct_oper_list.matrix[1][1]         1.0000000000 
_pdbx_struct_oper_list.matrix[1][2]         0.0000000000 
_pdbx_struct_oper_list.matrix[1][3]         0.0000000000 
_pdbx_struct_oper_list.vector[1]            0.0000000000 
_pdbx_struct_oper_list.matrix[2][1]         0.0000000000 
_pdbx_struct_oper_list.matrix[2][2]         1.0000000000 
_pdbx_struct_oper_list.matrix[2][3]         0.0000000000 
_pdbx_struct_oper_list.vector[2]            0.0000000000 
_pdbx_struct_oper_list.matrix[3][1]         0.0000000000 
_pdbx_struct_oper_list.matrix[3][2]         0.0000000000 
_pdbx_struct_oper_list.matrix[3][3]         1.0000000000 
_pdbx_struct_oper_list.vector[3]            0.0000000000 
# 
loop_
_struct_conn.id 
_struct_conn.conn_type_id 
_struct_conn.pdbx_leaving_atom_flag 
_struct_conn.pdbx_PDB_id 
_struct_conn.ptnr1_label_asym_id 
_struct_conn.ptnr1_label_comp_id 
_struct_conn.ptnr1_label_seq_id 
_struct_conn.ptnr1_label_atom_id 
_struct_conn.pdbx_ptnr1_label_alt_id 
_struct_conn.pdbx_ptnr1_PDB_ins_code 
_struct_conn.pdbx_ptnr1_standard_comp_id 
_struct_conn.ptnr1_symmetry 
_struct_conn.ptnr2_label_asym_id 
_struct_conn.ptnr2_label_comp_id 
_struct_conn.ptnr2_label_seq_id 
_struct_conn.ptnr2_label_atom_id 
_struct_conn.pdbx_ptnr2_label_alt_id 
_struct_conn.pdbx_ptnr2_PDB_ins_code 
_struct_conn.ptnr1_auth_asym_id 
_struct_conn.ptnr1_auth_comp_id 
_struct_conn.ptnr1_auth_seq_id 
_struct_conn.ptnr2_auth_asym_id 
_struct_conn.ptnr2_auth_comp_id 
_struct_conn.ptnr2_auth_seq_id 
_struct_conn.ptnr2_symmetry 
_struct_conn.pdbx_ptnr3_label_atom_id 
_struct_conn.pdbx_ptnr3_label_seq_id 
_struct_conn.pdbx_ptnr3_label_comp_id 
_struct_conn.pdbx_ptnr3_label_asym_id 
_struct_conn.pdbx_ptnr3_label_alt_id 
_struct_conn.pdbx_ptnr3_PDB_ins_code 
_struct_conn.details 
_struct_conn.pdbx_dist_value 
_struct_conn.pdbx_value_order 
_struct_conn.pdbx_role 
hydrog1  hydrog ? ? A DA 3  N1 ? ? ? 1_555 B DT 10 N3 ? ? A DA 3  B DT 20 1_555 ? ? ? ? ? ? WATSON-CRICK ? ? ? 
hydrog2  hydrog ? ? A DA 3  N6 ? ? ? 1_555 B DT 10 O4 ? ? A DA 3  B DT 20 1_555 ? ? ? ? ? ? WATSON-CRICK ? ? ? 
hydrog3  hydrog ? ? A DC 4  N3 ? ? ? 1_555 B DG 9  N1 ? ? A DC 4  B DG 19 1_555 ? ? ? ? ? ? WATSON-CRICK ? ? ? 
hydrog4  hydrog ? ? A DC 4  N4 ? ? ? 1_555 B DG 9  O6 ? ? A DC 4  B DG 19 1_555 ? ? ? ? ? ? WATSON-CRICK ? ? ? 
hydrog5  hydrog ? ? A DC 4  O2 ? ? ? 1_555 B DG 9  N2 ? ? A DC 4  B DG 19 1_555 ? ? ? ? ? ? WATSON-CRICK ? ? ? 
hydrog6  hydrog ? ? A DG 5  N1 ? ? ? 1_555 B DC 8  N3 ? ? A DG 5  B DC 18 1_555 ? ? ? ? ? ? WATSON-CRICK ? ? ? 
hydrog7  hydrog ? ? A DG 5  N2 ? ? ? 1_555 B DC 8  O2 ? ? A DG 5  B DC 18 1_555 ? ? ? ? ? ? WATSON-CRICK ? ? ? 
hydrog8  hydrog ? ? A DG 5  O6 ? ? ? 1_555 B DC 8  N4 ? ? A DG 5  B DC 18 1_555 ? ? ? ? ? ? WATSON-CRICK ? ? ? 
hydrog9  hydrog ? ? A DA 6  N1 ? ? ? 1_555 B DT 7  N3 ? ? A DA 6  B DT 17 1_555 ? ? ? ? ? ? WATSON-CRICK ? ? ? 
hydrog10 hydrog ? ? A DA 6  N6 ? ? ? 1_555 B DT 7  O4 ? ? A DA 6  B DT 17 1_555 ? ? ? ? ? ? WATSON-CRICK ? ? ? 
hydrog11 hydrog ? ? A DT 7  N3 ? ? ? 1_555 B DA 6  N1 ? ? A DT 7  B DA 16 1_555 ? ? ? ? ? ? WATSON-CRICK ? ? ? 
hydrog12 hydrog ? ? A DT 7  O4 ? ? ? 1_555 B DA 6  N6 ? ? A DT 7  B DA 16 1_555 ? ? ? ? ? ? WATSON-CRICK ? ? ? 
hydrog13 hydrog ? ? A DC 8  N3 ? ? ? 1_555 B DG 5  N1 ? ? A DC 8  B DG 15 1_555 ? ? ? ? ? ? WATSON-CRICK ? ? ? 
hydrog14 hydrog ? ? A DC 8  N4 ? ? ? 1_555 B DG 5  O6 ? ? A DC 8  B DG 15 1_555 ? ? ? ? ? ? WATSON-CRICK ? ? ? 
hydrog15 hydrog ? ? A DC 8  O2 ? ? ? 1_555 B DG 5  N2 ? ? A DC 8  B DG 15 1_555 ? ? ? ? ? ? WATSON-CRICK ? ? ? 
hydrog16 hydrog ? ? A DG 9  N1 ? ? ? 1_555 B DC 4  N3 ? ? A DG 9  B DC 14 1_555 ? ? ? ? ? ? WATSON-CRICK ? ? ? 
hydrog17 hydrog ? ? A DG 9  N2 ? ? ? 1_555 B DC 4  O2 ? ? A DG 9  B DC 14 1_555 ? ? ? ? ? ? WATSON-CRICK ? ? ? 
hydrog18 hydrog ? ? A DG 9  O6 ? ? ? 1_555 B DC 4  N4 ? ? A DG 9  B DC 14 1_555 ? ? ? ? ? ? WATSON-CRICK ? ? ? 
hydrog19 hydrog ? ? A DT 10 N3 ? ? ? 1_555 B DA 3  N1 ? ? A DT 10 B DA 13 1_555 ? ? ? ? ? ? WATSON-CRICK ? ? ? 
hydrog20 hydrog ? ? A DT 10 O4 ? ? ? 1_555 B DA 3  N6 ? ? A DT 10 B DA 13 1_555 ? ? ? ? ? ? WATSON-CRICK ? ? ? 
# 
_struct_conn_type.id          hydrog 
_struct_conn_type.criteria    ? 
_struct_conn_type.reference   ? 
# 
loop_
_pdbx_validate_rmsd_angle.id 
_pdbx_validate_rmsd_angle.PDB_model_num 
_pdbx_validate_rmsd_angle.auth_atom_id_1 
_pdbx_validate_rmsd_angle.auth_asym_id_1 
_pdbx_validate_rmsd_angle.auth_comp_id_1 
_pdbx_validate_rmsd_angle.auth_seq_id_1 
_pdbx_validate_rmsd_angle.PDB_ins_code_1 
_pdbx_validate_rmsd_angle.label_alt_id_1 
_pdbx_validate_rmsd_angle.auth_atom_id_2 
_pdbx_validate_rmsd_angle.auth_asym_id_2 
_pdbx_validate_rmsd_angle.auth_comp_id_2 
_pdbx_validate_rmsd_angle.auth_seq_id_2 
_pdbx_validate_rmsd_angle.PDB_ins_code_2 
_pdbx_validate_rmsd_angle.label_alt_id_2 
_pdbx_validate_rmsd_angle.auth_atom_id_3 
_pdbx_validate_rmsd_angle.auth_asym_id_3 
_pdbx_validate_rmsd_angle.auth_comp_id_3 
_pdbx_validate_rmsd_angle.auth_seq_id_3 
_pdbx_validate_rmsd_angle.PDB_ins_code_3 
_pdbx_validate_rmsd_angle.label_alt_id_3 
_pdbx_validate_rmsd_angle.angle_value 
_pdbx_validate_rmsd_angle.angle_target_value 
_pdbx_validate_rmsd_angle.angle_deviation 
_pdbx_validate_rmsd_angle.angle_standard_deviation 
_pdbx_validate_rmsd_angle.linker_flag 
1 1 "O4'" A DG 2  ? ? "C1'" A DG 2  ? ? N9  A DG 2  ? ? 110.59 108.30 2.29 0.30 N 
2 1 "O4'" B DC 11 ? ? "C1'" B DC 11 ? ? N1  B DC 11 ? ? 110.10 108.30 1.80 0.30 N 
3 1 "O5'" B DA 13 ? ? P     B DA 13 ? ? OP1 B DA 13 ? ? 117.94 110.70 7.24 1.20 N 
4 1 "O4'" B DA 13 ? ? "C1'" B DA 13 ? ? N9  B DA 13 ? ? 110.56 108.30 2.26 0.30 N 
5 1 "O4'" B DC 14 ? ? "C1'" B DC 14 ? ? N1  B DC 14 ? ? 111.33 108.30 3.03 0.30 N 
6 1 "O4'" B DG 19 ? ? "C1'" B DG 19 ? ? N9  B DG 19 ? ? 110.66 108.30 2.36 0.30 N 
7 1 "O5'" B DT 20 ? ? P     B DT 20 ? ? OP1 B DT 20 ? ? 118.87 110.70 8.17 1.20 N 
# 
loop_
_chem_comp_atom.comp_id 
_chem_comp_atom.atom_id 
_chem_comp_atom.type_symbol 
_chem_comp_atom.pdbx_aromatic_flag 
_chem_comp_atom.pdbx_stereo_config 
_chem_comp_atom.pdbx_ordinal 
DA  OP3    O N N 1   
DA  P      P N N 2   
DA  OP1    O N N 3   
DA  OP2    O N N 4   
DA  "O5'"  O N N 5   
DA  "C5'"  C N N 6   
DA  "C4'"  C N R 7   
DA  "O4'"  O N N 8   
DA  "C3'"  C N S 9   
DA  "O3'"  O N N 10  
DA  "C2'"  C N N 11  
DA  "C1'"  C N R 12  
DA  N9     N Y N 13  
DA  C8     C Y N 14  
DA  N7     N Y N 15  
DA  C5     C Y N 16  
DA  C6     C Y N 17  
DA  N6     N N N 18  
DA  N1     N Y N 19  
DA  C2     C Y N 20  
DA  N3     N Y N 21  
DA  C4     C Y N 22  
DA  HOP3   H N N 23  
DA  HOP2   H N N 24  
DA  "H5'"  H N N 25  
DA  "H5''" H N N 26  
DA  "H4'"  H N N 27  
DA  "H3'"  H N N 28  
DA  "HO3'" H N N 29  
DA  "H2'"  H N N 30  
DA  "H2''" H N N 31  
DA  "H1'"  H N N 32  
DA  H8     H N N 33  
DA  H61    H N N 34  
DA  H62    H N N 35  
DA  H2     H N N 36  
DC  OP3    O N N 37  
DC  P      P N N 38  
DC  OP1    O N N 39  
DC  OP2    O N N 40  
DC  "O5'"  O N N 41  
DC  "C5'"  C N N 42  
DC  "C4'"  C N R 43  
DC  "O4'"  O N N 44  
DC  "C3'"  C N S 45  
DC  "O3'"  O N N 46  
DC  "C2'"  C N N 47  
DC  "C1'"  C N R 48  
DC  N1     N N N 49  
DC  C2     C N N 50  
DC  O2     O N N 51  
DC  N3     N N N 52  
DC  C4     C N N 53  
DC  N4     N N N 54  
DC  C5     C N N 55  
DC  C6     C N N 56  
DC  HOP3   H N N 57  
DC  HOP2   H N N 58  
DC  "H5'"  H N N 59  
DC  "H5''" H N N 60  
DC  "H4'"  H N N 61  
DC  "H3'"  H N N 62  
DC  "HO3'" H N N 63  
DC  "H2'"  H N N 64  
DC  "H2''" H N N 65  
DC  "H1'"  H N N 66  
DC  H41    H N N 67  
DC  H42    H N N 68  
DC  H5     H N N 69  
DC  H6     H N N 70  
DG  OP3    O N N 71  
DG  P      P N N 72  
DG  OP1    O N N 73  
DG  OP2    O N N 74  
DG  "O5'"  O N N 75  
DG  "C5'"  C N N 76  
DG  "C4'"  C N R 77  
DG  "O4'"  O N N 78  
DG  "C3'"  C N S 79  
DG  "O3'"  O N N 80  
DG  "C2'"  C N N 81  
DG  "C1'"  C N R 82  
DG  N9     N Y N 83  
DG  C8     C Y N 84  
DG  N7     N Y N 85  
DG  C5     C Y N 86  
DG  C6     C N N 87  
DG  O6     O N N 88  
DG  N1     N N N 89  
DG  C2     C N N 90  
DG  N2     N N N 91  
DG  N3     N N N 92  
DG  C4     C Y N 93  
DG  HOP3   H N N 94  
DG  HOP2   H N N 95  
DG  "H5'"  H N N 96  
DG  "H5''" H N N 97  
DG  "H4'"  H N N 98  
DG  "H3'"  H N N 99  
DG  "HO3'" H N N 100 
DG  "H2'"  H N N 101 
DG  "H2''" H N N 102 
DG  "H1'"  H N N 103 
DG  H8     H N N 104 
DG  H1     H N N 105 
DG  H21    H N N 106 
DG  H22    H N N 107 
DT  OP3    O N N 108 
DT  P      P N N 109 
DT  OP1    O N N 110 
DT  OP2    O N N 111 
DT  "O5'"  O N N 112 
DT  "C5'"  C N N 113 
DT  "C4'"  C N R 114 
DT  "O4'"  O N N 115 
DT  "C3'"  C N S 116 
DT  "O3'"  O N N 117 
DT  "C2'"  C N N 118 
DT  "C1'"  C N R 119 
DT  N1     N N N 120 
DT  C2     C N N 121 
DT  O2     O N N 122 
DT  N3     N N N 123 
DT  C4     C N N 124 
DT  O4     O N N 125 
DT  C5     C N N 126 
DT  C7     C N N 127 
DT  C6     C N N 128 
DT  HOP3   H N N 129 
DT  HOP2   H N N 130 
DT  "H5'"  H N N 131 
DT  "H5''" H N N 132 
DT  "H4'"  H N N 133 
DT  "H3'"  H N N 134 
DT  "HO3'" H N N 135 
DT  "H2'"  H N N 136 
DT  "H2''" H N N 137 
DT  "H1'"  H N N 138 
DT  H3     H N N 139 
DT  H71    H N N 140 
DT  H72    H N N 141 
DT  H73    H N N 142 
DT  H6     H N N 143 
HOH O      O N N 144 
HOH H1     H N N 145 
HOH H2     H N N 146 
# 
loop_
_chem_comp_bond.comp_id 
_chem_comp_bond.atom_id_1 
_chem_comp_bond.atom_id_2 
_chem_comp_bond.value_order 
_chem_comp_bond.pdbx_aromatic_flag 
_chem_comp_bond.pdbx_stereo_config 
_chem_comp_bond.pdbx_ordinal 
DA  OP3   P      sing N N 1   
DA  OP3   HOP3   sing N N 2   
DA  P     OP1    doub N N 3   
DA  P     OP2    sing N N 4   
DA  P     "O5'"  sing N N 5   
DA  OP2   HOP2   sing N N 6   
DA  "O5'" "C5'"  sing N N 7   
DA  "C5'" "C4'"  sing N N 8   
DA  "C5'" "H5'"  sing N N 9   
DA  "C5'" "H5''" sing N N 10  
DA  "C4'" "O4'"  sing N N 11  
DA  "C4'" "C3'"  sing N N 12  
DA  "C4'" "H4'"  sing N N 13  
DA  "O4'" "C1'"  sing N N 14  
DA  "C3'" "O3'"  sing N N 15  
DA  "C3'" "C2'"  sing N N 16  
DA  "C3'" "H3'"  sing N N 17  
DA  "O3'" "HO3'" sing N N 18  
DA  "C2'" "C1'"  sing N N 19  
DA  "C2'" "H2'"  sing N N 20  
DA  "C2'" "H2''" sing N N 21  
DA  "C1'" N9     sing N N 22  
DA  "C1'" "H1'"  sing N N 23  
DA  N9    C8     sing Y N 24  
DA  N9    C4     sing Y N 25  
DA  C8    N7     doub Y N 26  
DA  C8    H8     sing N N 27  
DA  N7    C5     sing Y N 28  
DA  C5    C6     sing Y N 29  
DA  C5    C4     doub Y N 30  
DA  C6    N6     sing N N 31  
DA  C6    N1     doub Y N 32  
DA  N6    H61    sing N N 33  
DA  N6    H62    sing N N 34  
DA  N1    C2     sing Y N 35  
DA  C2    N3     doub Y N 36  
DA  C2    H2     sing N N 37  
DA  N3    C4     sing Y N 38  
DC  OP3   P      sing N N 39  
DC  OP3   HOP3   sing N N 40  
DC  P     OP1    doub N N 41  
DC  P     OP2    sing N N 42  
DC  P     "O5'"  sing N N 43  
DC  OP2   HOP2   sing N N 44  
DC  "O5'" "C5'"  sing N N 45  
DC  "C5'" "C4'"  sing N N 46  
DC  "C5'" "H5'"  sing N N 47  
DC  "C5'" "H5''" sing N N 48  
DC  "C4'" "O4'"  sing N N 49  
DC  "C4'" "C3'"  sing N N 50  
DC  "C4'" "H4'"  sing N N 51  
DC  "O4'" "C1'"  sing N N 52  
DC  "C3'" "O3'"  sing N N 53  
DC  "C3'" "C2'"  sing N N 54  
DC  "C3'" "H3'"  sing N N 55  
DC  "O3'" "HO3'" sing N N 56  
DC  "C2'" "C1'"  sing N N 57  
DC  "C2'" "H2'"  sing N N 58  
DC  "C2'" "H2''" sing N N 59  
DC  "C1'" N1     sing N N 60  
DC  "C1'" "H1'"  sing N N 61  
DC  N1    C2     sing N N 62  
DC  N1    C6     sing N N 63  
DC  C2    O2     doub N N 64  
DC  C2    N3     sing N N 65  
DC  N3    C4     doub N N 66  
DC  C4    N4     sing N N 67  
DC  C4    C5     sing N N 68  
DC  N4    H41    sing N N 69  
DC  N4    H42    sing N N 70  
DC  C5    C6     doub N N 71  
DC  C5    H5     sing N N 72  
DC  C6    H6     sing N N 73  
DG  OP3   P      sing N N 74  
DG  OP3   HOP3   sing N N 75  
DG  P     OP1    doub N N 76  
DG  P     OP2    sing N N 77  
DG  P     "O5'"  sing N N 78  
DG  OP2   HOP2   sing N N 79  
DG  "O5'" "C5'"  sing N N 80  
DG  "C5'" "C4'"  sing N N 81  
DG  "C5'" "H5'"  sing N N 82  
DG  "C5'" "H5''" sing N N 83  
DG  "C4'" "O4'"  sing N N 84  
DG  "C4'" "C3'"  sing N N 85  
DG  "C4'" "H4'"  sing N N 86  
DG  "O4'" "C1'"  sing N N 87  
DG  "C3'" "O3'"  sing N N 88  
DG  "C3'" "C2'"  sing N N 89  
DG  "C3'" "H3'"  sing N N 90  
DG  "O3'" "HO3'" sing N N 91  
DG  "C2'" "C1'"  sing N N 92  
DG  "C2'" "H2'"  sing N N 93  
DG  "C2'" "H2''" sing N N 94  
DG  "C1'" N9     sing N N 95  
DG  "C1'" "H1'"  sing N N 96  
DG  N9    C8     sing Y N 97  
DG  N9    C4     sing Y N 98  
DG  C8    N7     doub Y N 99  
DG  C8    H8     sing N N 100 
DG  N7    C5     sing Y N 101 
DG  C5    C6     sing N N 102 
DG  C5    C4     doub Y N 103 
DG  C6    O6     doub N N 104 
DG  C6    N1     sing N N 105 
DG  N1    C2     sing N N 106 
DG  N1    H1     sing N N 107 
DG  C2    N2     sing N N 108 
DG  C2    N3     doub N N 109 
DG  N2    H21    sing N N 110 
DG  N2    H22    sing N N 111 
DG  N3    C4     sing N N 112 
DT  OP3   P      sing N N 113 
DT  OP3   HOP3   sing N N 114 
DT  P     OP1    doub N N 115 
DT  P     OP2    sing N N 116 
DT  P     "O5'"  sing N N 117 
DT  OP2   HOP2   sing N N 118 
DT  "O5'" "C5'"  sing N N 119 
DT  "C5'" "C4'"  sing N N 120 
DT  "C5'" "H5'"  sing N N 121 
DT  "C5'" "H5''" sing N N 122 
DT  "C4'" "O4'"  sing N N 123 
DT  "C4'" "C3'"  sing N N 124 
DT  "C4'" "H4'"  sing N N 125 
DT  "O4'" "C1'"  sing N N 126 
DT  "C3'" "O3'"  sing N N 127 
DT  "C3'" "C2'"  sing N N 128 
DT  "C3'" "H3'"  sing N N 129 
DT  "O3'" "HO3'" sing N N 130 
DT  "C2'" "C1'"  sing N N 131 
DT  "C2'" "H2'"  sing N N 132 
DT  "C2'" "H2''" sing N N 133 
DT  "C1'" N1     sing N N 134 
DT  "C1'" "H1'"  sing N N 135 
DT  N1    C2     sing N N 136 
DT  N1    C6     sing N N 137 
DT  C2    O2     doub N N 138 
DT  C2    N3     sing N N 139 
DT  N3    C4     sing N N 140 
DT  N3    H3     sing N N 141 
DT  C4    O4     doub N N 142 
DT  C4    C5     sing N N 143 
DT  C5    C7     sing N N 144 
DT  C5    C6     doub N N 145 
DT  C7    H71    sing N N 146 
DT  C7    H72    sing N N 147 
DT  C7    H73    sing N N 148 
DT  C6    H6     sing N N 149 
HOH O     H1     sing N N 150 
HOH O     H2     sing N N 151 
# 
_ndb_struct_conf_na.entry_id   309D 
_ndb_struct_conf_na.feature    'b-form double helix' 
# 
loop_
_ndb_struct_na_base_pair.model_number 
_ndb_struct_na_base_pair.i_label_asym_id 
_ndb_struct_na_base_pair.i_label_comp_id 
_ndb_struct_na_base_pair.i_label_seq_id 
_ndb_struct_na_base_pair.i_symmetry 
_ndb_struct_na_base_pair.j_label_asym_id 
_ndb_struct_na_base_pair.j_label_comp_id 
_ndb_struct_na_base_pair.j_label_seq_id 
_ndb_struct_na_base_pair.j_symmetry 
_ndb_struct_na_base_pair.shear 
_ndb_struct_na_base_pair.stretch 
_ndb_struct_na_base_pair.stagger 
_ndb_struct_na_base_pair.buckle 
_ndb_struct_na_base_pair.propeller 
_ndb_struct_na_base_pair.opening 
_ndb_struct_na_base_pair.pair_number 
_ndb_struct_na_base_pair.pair_name 
_ndb_struct_na_base_pair.i_auth_asym_id 
_ndb_struct_na_base_pair.i_auth_seq_id 
_ndb_struct_na_base_pair.i_PDB_ins_code 
_ndb_struct_na_base_pair.j_auth_asym_id 
_ndb_struct_na_base_pair.j_auth_seq_id 
_ndb_struct_na_base_pair.j_PDB_ins_code 
_ndb_struct_na_base_pair.hbond_type_28 
_ndb_struct_na_base_pair.hbond_type_12 
1 A DA 3  1_555 B DT 10 1_555 -0.177 -0.297 0.322  3.926   -11.602 -2.316 1 A_DA3:DT20_B  A 3  ? B 20 ? 20 1 
1 A DC 4  1_555 B DG 9  1_555 0.305  -0.217 -0.019 8.826   -3.204  0.542  2 A_DC4:DG19_B  A 4  ? B 19 ? 19 1 
1 A DG 5  1_555 B DC 8  1_555 -0.340 -0.296 0.195  7.431   -8.110  -2.499 3 A_DG5:DC18_B  A 5  ? B 18 ? 19 1 
1 A DA 6  1_555 B DT 7  1_555 -0.267 -0.108 0.169  1.843   -11.492 -0.973 4 A_DA6:DT17_B  A 6  ? B 17 ? 20 1 
1 A DT 7  1_555 B DA 6  1_555 -0.837 -0.012 0.087  -0.550  -13.391 -1.957 5 A_DT7:DA16_B  A 7  ? B 16 ? 20 1 
1 A DC 8  1_555 B DG 5  1_555 0.437  -0.331 0.026  0.360   -11.038 0.543  6 A_DC8:DG15_B  A 8  ? B 15 ? 19 1 
1 A DG 9  1_555 B DC 4  1_555 0.418  -0.242 -0.483 -14.847 -3.447  -1.998 7 A_DG9:DC14_B  A 9  ? B 14 ? 19 1 
1 A DT 10 1_555 B DA 3  1_555 0.262  -0.330 -0.235 2.050   -2.167  -1.584 8 A_DT10:DA13_B A 10 ? B 13 ? 20 1 
# 
loop_
_ndb_struct_na_base_pair_step.model_number 
_ndb_struct_na_base_pair_step.i_label_asym_id_1 
_ndb_struct_na_base_pair_step.i_label_comp_id_1 
_ndb_struct_na_base_pair_step.i_label_seq_id_1 
_ndb_struct_na_base_pair_step.i_symmetry_1 
_ndb_struct_na_base_pair_step.j_label_asym_id_1 
_ndb_struct_na_base_pair_step.j_label_comp_id_1 
_ndb_struct_na_base_pair_step.j_label_seq_id_1 
_ndb_struct_na_base_pair_step.j_symmetry_1 
_ndb_struct_na_base_pair_step.i_label_asym_id_2 
_ndb_struct_na_base_pair_step.i_label_comp_id_2 
_ndb_struct_na_base_pair_step.i_label_seq_id_2 
_ndb_struct_na_base_pair_step.i_symmetry_2 
_ndb_struct_na_base_pair_step.j_label_asym_id_2 
_ndb_struct_na_base_pair_step.j_label_comp_id_2 
_ndb_struct_na_base_pair_step.j_label_seq_id_2 
_ndb_struct_na_base_pair_step.j_symmetry_2 
_ndb_struct_na_base_pair_step.shift 
_ndb_struct_na_base_pair_step.slide 
_ndb_struct_na_base_pair_step.rise 
_ndb_struct_na_base_pair_step.tilt 
_ndb_struct_na_base_pair_step.roll 
_ndb_struct_na_base_pair_step.twist 
_ndb_struct_na_base_pair_step.x_displacement 
_ndb_struct_na_base_pair_step.y_displacement 
_ndb_struct_na_base_pair_step.helical_rise 
_ndb_struct_na_base_pair_step.inclination 
_ndb_struct_na_base_pair_step.tip 
_ndb_struct_na_base_pair_step.helical_twist 
_ndb_struct_na_base_pair_step.step_number 
_ndb_struct_na_base_pair_step.step_name 
_ndb_struct_na_base_pair_step.i_auth_asym_id_1 
_ndb_struct_na_base_pair_step.i_auth_seq_id_1 
_ndb_struct_na_base_pair_step.i_PDB_ins_code_1 
_ndb_struct_na_base_pair_step.j_auth_asym_id_1 
_ndb_struct_na_base_pair_step.j_auth_seq_id_1 
_ndb_struct_na_base_pair_step.j_PDB_ins_code_1 
_ndb_struct_na_base_pair_step.i_auth_asym_id_2 
_ndb_struct_na_base_pair_step.i_auth_seq_id_2 
_ndb_struct_na_base_pair_step.i_PDB_ins_code_2 
_ndb_struct_na_base_pair_step.j_auth_asym_id_2 
_ndb_struct_na_base_pair_step.j_auth_seq_id_2 
_ndb_struct_na_base_pair_step.j_PDB_ins_code_2 
1 A DA 3 1_555 B DT 10 1_555 A DC 4  1_555 B DG 9 1_555 0.310  -0.121 3.166 2.475  2.737  32.538 -0.672 -0.135 3.160 4.865  -4.400 
32.741 1 AA_DA3DC4:DG19DT20_BB  A 3 ? B 20 ? A 4  ? B 19 ? 
1 A DC 4 1_555 B DG 9  1_555 A DG 5  1_555 B DC 8 1_555 -0.685 0.338  3.183 -4.934 5.639  35.777 -0.236 0.414  3.260 9.056  7.925  
36.528 2 AA_DC4DG5:DC18DG19_BB  A 4 ? B 19 ? A 5  ? B 18 ? 
1 A DG 5 1_555 B DC 8  1_555 A DA 6  1_555 B DT 7 1_555 0.040  -0.468 3.345 -0.617 1.784  35.648 -1.027 -0.156 3.318 2.911  1.006  
35.696 3 AA_DG5DA6:DT17DC18_BB  A 5 ? B 18 ? A 6  ? B 17 ? 
1 A DA 6 1_555 B DT 7  1_555 A DT 7  1_555 B DA 6 1_555 0.109  -0.683 3.235 0.897  0.084  31.232 -1.285 -0.034 3.235 0.155  -1.666 
31.245 4 AA_DA6DT7:DA16DT17_BB  A 6 ? B 17 ? A 7  ? B 16 ? 
1 A DT 7 1_555 B DA 6  1_555 A DC 8  1_555 B DG 5 1_555 0.149  0.156  3.290 -0.385 -1.021 45.553 0.291  -0.226 3.285 -1.318 0.498  
45.565 5 AA_DT7DC8:DG15DA16_BB  A 7 ? B 16 ? A 8  ? B 15 ? 
1 A DC 8 1_555 B DG 5  1_555 A DG 9  1_555 B DC 4 1_555 -0.064 0.709  3.612 3.812  6.210  42.650 0.282  0.504  3.657 8.465  -5.196 
43.239 6 AA_DC8DG9:DC14DG15_BB  A 8 ? B 15 ? A 9  ? B 14 ? 
1 A DG 9 1_555 B DC 4  1_555 A DT 10 1_555 B DA 3 1_555 -0.298 -0.026 2.925 -1.107 1.770  25.794 -0.497 0.389  2.927 3.956  2.475  
25.877 7 AA_DG9DT10:DA13DC14_BB A 9 ? B 14 ? A 10 ? B 13 ? 
# 
_atom_sites.entry_id                    309D 
_atom_sites.fract_transf_matrix[1][1]   -0.01714442 
_atom_sites.fract_transf_matrix[1][2]   0.00861307 
_atom_sites.fract_transf_matrix[1][3]   0.03646483 
_atom_sites.fract_transf_matrix[2][1]   -0.01744357 
_atom_sites.fract_transf_matrix[2][2]   -0.02287132 
_atom_sites.fract_transf_matrix[2][3]   -0.00279907 
_atom_sites.fract_transf_matrix[3][1]   0.01553702 
_atom_sites.fract_transf_matrix[3][2]   -0.01504464 
_atom_sites.fract_transf_matrix[3][3]   0.02610498 
_atom_sites.fract_transf_vector[1]      -0.384004 
_atom_sites.fract_transf_vector[2]      0.073843 
_atom_sites.fract_transf_vector[3]      0.313399 
# 
loop_
_atom_type.symbol 
C 
N 
O 
P 
# 
loop_
_atom_site.group_PDB 
_atom_site.id 
_atom_site.type_symbol 
_atom_site.label_atom_id 
_atom_site.label_alt_id 
_atom_site.label_comp_id 
_atom_site.label_asym_id 
_atom_site.label_entity_id 
_atom_site.label_seq_id 
_atom_site.pdbx_PDB_ins_code 
_atom_site.Cartn_x 
_atom_site.Cartn_y 
_atom_site.Cartn_z 
_atom_site.occupancy 
_atom_site.B_iso_or_equiv 
_atom_site.pdbx_formal_charge 
_atom_site.auth_seq_id 
_atom_site.auth_comp_id 
_atom_site.auth_asym_id 
_atom_site.auth_atom_id 
_atom_site.pdbx_PDB_model_num 
ATOM   1   O "O5'" . DC  A 1 1  ? -8.016  -1.123  -16.760 1.00 7.50  ? 1  DC  A "O5'" 1 
ATOM   2   C "C5'" . DC  A 1 1  ? -7.928  -2.464  -17.322 1.00 6.93  ? 1  DC  A "C5'" 1 
ATOM   3   C "C4'" . DC  A 1 1  ? -6.571  -2.641  -17.963 1.00 6.63  ? 1  DC  A "C4'" 1 
ATOM   4   O "O4'" . DC  A 1 1  ? -6.111  -1.361  -18.412 1.00 6.48  ? 1  DC  A "O4'" 1 
ATOM   5   C "C3'" . DC  A 1 1  ? -5.489  -3.151  -17.041 1.00 6.75  ? 1  DC  A "C3'" 1 
ATOM   6   O "O3'" . DC  A 1 1  ? -4.925  -4.410  -17.371 1.00 6.83  ? 1  DC  A "O3'" 1 
ATOM   7   C "C2'" . DC  A 1 1  ? -4.411  -2.082  -16.965 1.00 6.59  ? 1  DC  A "C2'" 1 
ATOM   8   C "C1'" . DC  A 1 1  ? -4.797  -1.043  -17.957 1.00 5.88  ? 1  DC  A "C1'" 1 
ATOM   9   N N1    . DC  A 1 1  ? -4.822  0.337   -17.426 1.00 5.22  ? 1  DC  A N1    1 
ATOM   10  C C2    . DC  A 1 1  ? -3.665  1.089   -17.492 1.00 4.94  ? 1  DC  A C2    1 
ATOM   11  O O2    . DC  A 1 1  ? -2.627  0.560   -17.928 1.00 4.97  ? 1  DC  A O2    1 
ATOM   12  N N3    . DC  A 1 1  ? -3.685  2.382   -17.045 1.00 4.55  ? 1  DC  A N3    1 
ATOM   13  C C4    . DC  A 1 1  ? -4.820  2.903   -16.553 1.00 4.57  ? 1  DC  A C4    1 
ATOM   14  N N4    . DC  A 1 1  ? -4.807  4.166   -16.110 1.00 4.74  ? 1  DC  A N4    1 
ATOM   15  C C5    . DC  A 1 1  ? -6.013  2.151   -16.479 1.00 4.64  ? 1  DC  A C5    1 
ATOM   16  C C6    . DC  A 1 1  ? -5.973  0.884   -16.923 1.00 4.91  ? 1  DC  A C6    1 
ATOM   17  P P     . DG  A 1 2  ? -4.492  -5.323  -16.126 1.00 9.65  ? 2  DG  A P     1 
ATOM   18  O OP1   . DG  A 1 2  ? -4.670  -6.699  -16.581 1.00 9.98  ? 2  DG  A OP1   1 
ATOM   19  O OP2   . DG  A 1 2  ? -5.362  -4.857  -14.978 1.00 8.30  ? 2  DG  A OP2   1 
ATOM   20  O "O5'" . DG  A 1 2  ? -2.968  -4.884  -15.854 1.00 6.24  ? 2  DG  A "O5'" 1 
ATOM   21  C "C5'" . DG  A 1 2  ? -1.941  -4.941  -16.855 1.00 5.58  ? 2  DG  A "C5'" 1 
ATOM   22  C "C4'" . DG  A 1 2  ? -0.711  -4.270  -16.286 1.00 5.35  ? 2  DG  A "C4'" 1 
ATOM   23  O "O4'" . DG  A 1 2  ? -0.933  -2.834  -16.226 1.00 4.89  ? 2  DG  A "O4'" 1 
ATOM   24  C "C3'" . DG  A 1 2  ? -0.383  -4.713  -14.843 1.00 5.22  ? 2  DG  A "C3'" 1 
ATOM   25  O "O3'" . DG  A 1 2  ? 1.022   -5.027  -14.781 1.00 5.74  ? 2  DG  A "O3'" 1 
ATOM   26  C "C2'" . DG  A 1 2  ? -0.792  -3.540  -13.979 1.00 4.99  ? 2  DG  A "C2'" 1 
ATOM   27  C "C1'" . DG  A 1 2  ? -0.737  -2.345  -14.896 1.00 4.38  ? 2  DG  A "C1'" 1 
ATOM   28  N N9    . DG  A 1 2  ? -1.785  -1.373  -14.542 1.00 3.67  ? 2  DG  A N9    1 
ATOM   29  C C8    . DG  A 1 2  ? -3.112  -1.615  -14.245 1.00 3.37  ? 2  DG  A C8    1 
ATOM   30  N N7    . DG  A 1 2  ? -3.779  -0.526  -13.953 1.00 3.05  ? 2  DG  A N7    1 
ATOM   31  C C5    . DG  A 1 2  ? -2.839  0.493   -14.056 1.00 2.98  ? 2  DG  A C5    1 
ATOM   32  C C6    . DG  A 1 2  ? -2.973  1.894   -13.854 1.00 2.90  ? 2  DG  A C6    1 
ATOM   33  O O6    . DG  A 1 2  ? -3.974  2.517   -13.532 1.00 3.00  ? 2  DG  A O6    1 
ATOM   34  N N1    . DG  A 1 2  ? -1.793  2.569   -14.062 1.00 2.59  ? 2  DG  A N1    1 
ATOM   35  C C2    . DG  A 1 2  ? -0.624  1.980   -14.415 1.00 2.94  ? 2  DG  A C2    1 
ATOM   36  N N2    . DG  A 1 2  ? 0.414   2.795   -14.559 1.00 2.80  ? 2  DG  A N2    1 
ATOM   37  N N3    . DG  A 1 2  ? -0.467  0.673   -14.607 1.00 3.13  ? 2  DG  A N3    1 
ATOM   38  C C4    . DG  A 1 2  ? -1.614  -0.005  -14.415 1.00 3.30  ? 2  DG  A C4    1 
ATOM   39  P P     . DA  A 1 3  ? 1.787   -5.327  -13.390 1.00 8.19  ? 3  DA  A P     1 
ATOM   40  O OP1   . DA  A 1 3  ? 2.701   -6.442  -13.743 1.00 2.83  ? 3  DA  A OP1   1 
ATOM   41  O OP2   . DA  A 1 3  ? 0.823   -5.568  -12.272 1.00 4.05  ? 3  DA  A OP2   1 
ATOM   42  O "O5'" . DA  A 1 3  ? 2.537   -3.919  -13.129 1.00 8.03  ? 3  DA  A "O5'" 1 
ATOM   43  C "C5'" . DA  A 1 3  ? 3.507   -3.344  -14.016 1.00 7.84  ? 3  DA  A "C5'" 1 
ATOM   44  C "C4'" . DA  A 1 3  ? 4.021   -2.030  -13.455 1.00 7.65  ? 3  DA  A "C4'" 1 
ATOM   45  O "O4'" . DA  A 1 3  ? 2.965   -1.059  -13.295 1.00 7.38  ? 3  DA  A "O4'" 1 
ATOM   46  C "C3'" . DA  A 1 3  ? 4.700   -2.143  -12.092 1.00 7.74  ? 3  DA  A "C3'" 1 
ATOM   47  O "O3'" . DA  A 1 3  ? 5.987   -1.457  -12.159 1.00 8.31  ? 3  DA  A "O3'" 1 
ATOM   48  C "C2'" . DA  A 1 3  ? 3.660   -1.564  -11.140 1.00 7.49  ? 3  DA  A "C2'" 1 
ATOM   49  C "C1'" . DA  A 1 3  ? 2.988   -0.508  -11.982 1.00 7.15  ? 3  DA  A "C1'" 1 
ATOM   50  N N9    . DA  A 1 3  ? 1.599   -0.210  -11.589 1.00 6.73  ? 3  DA  A N9    1 
ATOM   51  C C8    . DA  A 1 3  ? 0.570   -1.111  -11.414 1.00 6.61  ? 3  DA  A C8    1 
ATOM   52  N N7    . DA  A 1 3  ? -0.575  -0.556  -11.086 1.00 6.48  ? 3  DA  A N7    1 
ATOM   53  C C5    . DA  A 1 3  ? -0.285  0.804   -11.036 1.00 6.26  ? 3  DA  A C5    1 
ATOM   54  C C6    . DA  A 1 3  ? -1.064  1.925   -10.720 1.00 6.20  ? 3  DA  A C6    1 
ATOM   55  N N6    . DA  A 1 3  ? -2.366  1.854   -10.409 1.00 6.04  ? 3  DA  A N6    1 
ATOM   56  N N1    . DA  A 1 3  ? -0.451  3.144   -10.733 1.00 5.91  ? 3  DA  A N1    1 
ATOM   57  C C2    . DA  A 1 3  ? 0.865   3.207   -11.042 1.00 6.08  ? 3  DA  A C2    1 
ATOM   58  N N3    . DA  A 1 3  ? 1.694   2.220   -11.355 1.00 6.27  ? 3  DA  A N3    1 
ATOM   59  C C4    . DA  A 1 3  ? 1.051   1.032   -11.338 1.00 6.42  ? 3  DA  A C4    1 
ATOM   60  P P     . DC  A 1 4  ? 7.137   -1.683  -11.014 1.00 11.71 ? 4  DC  A P     1 
ATOM   61  O OP1   . DC  A 1 4  ? 8.387   -1.879  -11.766 1.00 13.40 ? 4  DC  A OP1   1 
ATOM   62  O OP2   . DC  A 1 4  ? 6.839   -2.762  -10.073 1.00 11.88 ? 4  DC  A OP2   1 
ATOM   63  O "O5'" . DC  A 1 4  ? 7.021   -0.290  -10.212 1.00 9.73  ? 4  DC  A "O5'" 1 
ATOM   64  C "C5'" . DC  A 1 4  ? 6.348   0.869   -10.738 1.00 9.68  ? 4  DC  A "C5'" 1 
ATOM   65  C "C4'" . DC  A 1 4  ? 6.118   1.862   -9.621  1.00 9.68  ? 4  DC  A "C4'" 1 
ATOM   66  O "O4'" . DC  A 1 4  ? 4.714   2.030   -9.340  1.00 9.58  ? 4  DC  A "O4'" 1 
ATOM   67  C "C3'" . DC  A 1 4  ? 6.705   1.417   -8.290  1.00 9.89  ? 4  DC  A "C3'" 1 
ATOM   68  O "O3'" . DC  A 1 4  ? 7.152   2.509   -7.490  1.00 10.17 ? 4  DC  A "O3'" 1 
ATOM   69  C "C2'" . DC  A 1 4  ? 5.551   0.666   -7.641  1.00 9.67  ? 4  DC  A "C2'" 1 
ATOM   70  C "C1'" . DC  A 1 4  ? 4.450   1.625   -7.988  1.00 9.31  ? 4  DC  A "C1'" 1 
ATOM   71  N N1    . DC  A 1 4  ? 3.094   1.073   -7.951  1.00 9.24  ? 4  DC  A N1    1 
ATOM   72  C C2    . DC  A 1 4  ? 2.065   1.973   -7.816  1.00 9.21  ? 4  DC  A C2    1 
ATOM   73  O O2    . DC  A 1 4  ? 2.340   3.172   -7.704  1.00 9.34  ? 4  DC  A O2    1 
ATOM   74  N N3    . DC  A 1 4  ? 0.775   1.522   -7.795  1.00 9.23  ? 4  DC  A N3    1 
ATOM   75  C C4    . DC  A 1 4  ? 0.516   0.210   -7.926  1.00 9.20  ? 4  DC  A C4    1 
ATOM   76  N N4    . DC  A 1 4  ? -0.771  -0.180  -7.901  1.00 9.33  ? 4  DC  A N4    1 
ATOM   77  C C5    . DC  A 1 4  ? 1.559   -0.742  -8.080  1.00 9.08  ? 4  DC  A C5    1 
ATOM   78  C C6    . DC  A 1 4  ? 2.825   -0.274  -8.084  1.00 9.11  ? 4  DC  A C6    1 
ATOM   79  P P     . DG  A 1 5  ? 7.980   2.167   -6.168  1.00 10.09 ? 5  DG  A P     1 
ATOM   80  O OP1   . DG  A 1 5  ? 9.367   2.142   -6.656  1.00 9.49  ? 5  DG  A OP1   1 
ATOM   81  O OP2   . DG  A 1 5  ? 7.436   0.893   -5.651  1.00 10.84 ? 5  DG  A OP2   1 
ATOM   82  O "O5'" . DG  A 1 5  ? 7.569   3.445   -5.327  1.00 6.67  ? 5  DG  A "O5'" 1 
ATOM   83  C "C5'" . DG  A 1 5  ? 7.719   4.710   -5.960  1.00 6.03  ? 5  DG  A "C5'" 1 
ATOM   84  C "C4'" . DG  A 1 5  ? 6.896   5.748   -5.244  1.00 5.94  ? 5  DG  A "C4'" 1 
ATOM   85  O "O4'" . DG  A 1 5  ? 5.500   5.425   -5.414  1.00 5.68  ? 5  DG  A "O4'" 1 
ATOM   86  C "C3'" . DG  A 1 5  ? 7.093   5.798   -3.740  1.00 5.76  ? 5  DG  A "C3'" 1 
ATOM   87  O "O3'" . DG  A 1 5  ? 6.759   7.091   -3.214  1.00 6.04  ? 5  DG  A "O3'" 1 
ATOM   88  C "C2'" . DG  A 1 5  ? 6.109   4.752   -3.251  1.00 5.72  ? 5  DG  A "C2'" 1 
ATOM   89  C "C1'" . DG  A 1 5  ? 4.934   5.019   -4.159  1.00 5.30  ? 5  DG  A "C1'" 1 
ATOM   90  N N9    . DG  A 1 5  ? 4.102   3.832   -4.366  1.00 4.81  ? 5  DG  A N9    1 
ATOM   91  C C8    . DG  A 1 5  ? 4.511   2.553   -4.687  1.00 4.71  ? 5  DG  A C8    1 
ATOM   92  N N7    . DG  A 1 5  ? 3.507   1.714   -4.801  1.00 4.66  ? 5  DG  A N7    1 
ATOM   93  C C5    . DG  A 1 5  ? 2.378   2.489   -4.539  1.00 4.27  ? 5  DG  A C5    1 
ATOM   94  C C6    . DG  A 1 5  ? 1.004   2.130   -4.498  1.00 4.19  ? 5  DG  A C6    1 
ATOM   95  O O6    . DG  A 1 5  ? 0.501   1.039   -4.710  1.00 3.99  ? 5  DG  A O6    1 
ATOM   96  N N1    . DG  A 1 5  ? 0.193   3.203   -4.174  1.00 3.79  ? 5  DG  A N1    1 
ATOM   97  C C2    . DG  A 1 5  ? 0.646   4.463   -3.935  1.00 3.89  ? 5  DG  A C2    1 
ATOM   98  N N2    . DG  A 1 5  ? -0.273  5.380   -3.653  1.00 3.77  ? 5  DG  A N2    1 
ATOM   99  N N3    . DG  A 1 5  ? 1.919   4.818   -3.965  1.00 4.09  ? 5  DG  A N3    1 
ATOM   100 C C4    . DG  A 1 5  ? 2.726   3.788   -4.273  1.00 4.45  ? 5  DG  A C4    1 
ATOM   101 P P     . DA  A 1 6  ? 7.079   7.415   -1.665  1.00 8.65  ? 6  DA  A P     1 
ATOM   102 O OP1   . DA  A 1 6  ? 7.639   8.776   -1.763  1.00 12.12 ? 6  DA  A OP1   1 
ATOM   103 O OP2   . DA  A 1 6  ? 7.935   6.399   -1.035  1.00 8.88  ? 6  DA  A OP2   1 
ATOM   104 O "O5'" . DA  A 1 6  ? 5.636   7.495   -1.022  1.00 4.13  ? 6  DA  A "O5'" 1 
ATOM   105 C "C5'" . DA  A 1 6  ? 4.815   8.557   -1.461  1.00 3.75  ? 6  DA  A "C5'" 1 
ATOM   106 C "C4'" . DA  A 1 6  ? 3.433   8.333   -0.929  1.00 3.66  ? 6  DA  A "C4'" 1 
ATOM   107 O "O4'" . DA  A 1 6  ? 2.955   7.032   -1.349  1.00 3.53  ? 6  DA  A "O4'" 1 
ATOM   108 C "C3'" . DA  A 1 6  ? 3.403   8.258   0.586   1.00 3.62  ? 6  DA  A "C3'" 1 
ATOM   109 O "O3'" . DA  A 1 6  ? 2.203   8.867   1.045   1.00 4.01  ? 6  DA  A "O3'" 1 
ATOM   110 C "C2'" . DA  A 1 6  ? 3.462   6.762   0.872   1.00 3.33  ? 6  DA  A "C2'" 1 
ATOM   111 C "C1'" . DA  A 1 6  ? 2.520   6.295   -0.191  1.00 2.74  ? 6  DA  A "C1'" 1 
ATOM   112 N N9    . DA  A 1 6  ? 2.549   4.869   -0.525  1.00 2.03  ? 6  DA  A N9    1 
ATOM   113 C C8    . DA  A 1 6  ? 3.637   4.099   -0.832  1.00 2.04  ? 6  DA  A C8    1 
ATOM   114 N N7    . DA  A 1 6  ? 3.338   2.854   -1.128  1.00 1.82  ? 6  DA  A N7    1 
ATOM   115 C C5    . DA  A 1 6  ? 1.954   2.801   -0.990  1.00 1.60  ? 6  DA  A C5    1 
ATOM   116 C C6    . DA  A 1 6  ? 1.031   1.766   -1.164  1.00 1.50  ? 6  DA  A C6    1 
ATOM   117 N N6    . DA  A 1 6  ? 1.373   0.524   -1.527  1.00 1.41  ? 6  DA  A N6    1 
ATOM   118 N N1    . DA  A 1 6  ? -0.282  2.054   -0.959  1.00 1.37  ? 6  DA  A N1    1 
ATOM   119 C C2    . DA  A 1 6  ? -0.624  3.316   -0.614  1.00 1.49  ? 6  DA  A C2    1 
ATOM   120 N N3    . DA  A 1 6  ? 0.167   4.369   -0.429  1.00 1.63  ? 6  DA  A N3    1 
ATOM   121 C C4    . DA  A 1 6  ? 1.457   4.036   -0.627  1.00 1.63  ? 6  DA  A C4    1 
ATOM   122 P P     . DT  A 1 7  ? 2.229   9.633   2.449   1.00 8.44  ? 7  DT  A P     1 
ATOM   123 O OP1   . DT  A 1 7  ? 1.938   11.034  2.116   1.00 9.19  ? 7  DT  A OP1   1 
ATOM   124 O OP2   . DT  A 1 7  ? 3.572   9.345   3.040   1.00 9.93  ? 7  DT  A OP2   1 
ATOM   125 O "O5'" . DT  A 1 7  ? 0.998   8.949   3.225   1.00 6.17  ? 7  DT  A "O5'" 1 
ATOM   126 C "C5'" . DT  A 1 7  ? -0.271  8.819   2.542   1.00 5.86  ? 7  DT  A "C5'" 1 
ATOM   127 C "C4'" . DT  A 1 7  ? -1.005  7.563   2.965   1.00 5.69  ? 7  DT  A "C4'" 1 
ATOM   128 O "O4'" . DT  A 1 7  ? -0.367  6.383   2.422   1.00 5.54  ? 7  DT  A "O4'" 1 
ATOM   129 C "C3'" . DT  A 1 7  ? -1.096  7.317   4.478   1.00 5.59  ? 7  DT  A "C3'" 1 
ATOM   130 O "O3'" . DT  A 1 7  ? -2.461  7.362   4.948   1.00 5.87  ? 7  DT  A "O3'" 1 
ATOM   131 C "C2'" . DT  A 1 7  ? -0.429  5.959   4.690   1.00 5.26  ? 7  DT  A "C2'" 1 
ATOM   132 C "C1'" . DT  A 1 7  ? -0.612  5.326   3.351   1.00 5.07  ? 7  DT  A "C1'" 1 
ATOM   133 N N1    . DT  A 1 7  ? 0.242   4.163   3.005   1.00 4.73  ? 7  DT  A N1    1 
ATOM   134 C C2    . DT  A 1 7  ? -0.461  2.990   2.705   1.00 4.51  ? 7  DT  A C2    1 
ATOM   135 O O2    . DT  A 1 7  ? -1.666  2.917   2.759   1.00 4.69  ? 7  DT  A O2    1 
ATOM   136 N N3    . DT  A 1 7  ? 0.293   1.920   2.358   1.00 4.22  ? 7  DT  A N3    1 
ATOM   137 C C4    . DT  A 1 7  ? 1.642   1.889   2.262   1.00 4.00  ? 7  DT  A C4    1 
ATOM   138 O O4    . DT  A 1 7  ? 2.192   0.847   1.906   1.00 4.15  ? 7  DT  A O4    1 
ATOM   139 C C5    . DT  A 1 7  ? 2.333   3.127   2.593   1.00 4.05  ? 7  DT  A C5    1 
ATOM   140 C C7    . DT  A 1 7  ? 3.825   3.144   2.514   1.00 3.87  ? 7  DT  A C7    1 
ATOM   141 C C6    . DT  A 1 7  ? 1.608   4.200   2.945   1.00 4.11  ? 7  DT  A C6    1 
ATOM   142 P P     . DC  A 1 8  ? -2.756  7.157   6.535   1.00 10.70 ? 8  DC  A P     1 
ATOM   143 O OP1   . DC  A 1 8  ? -3.212  8.427   7.119   1.00 11.23 ? 8  DC  A OP1   1 
ATOM   144 O OP2   . DC  A 1 8  ? -1.505  6.565   7.143   1.00 11.74 ? 8  DC  A OP2   1 
ATOM   145 O "O5'" . DC  A 1 8  ? -3.942  6.076   6.530   1.00 8.64  ? 8  DC  A "O5'" 1 
ATOM   146 C "C5'" . DC  A 1 8  ? -4.304  5.454   5.287   1.00 8.39  ? 8  DC  A "C5'" 1 
ATOM   147 C "C4'" . DC  A 1 8  ? -4.854  4.069   5.533   1.00 8.15  ? 8  DC  A "C4'" 1 
ATOM   148 O "O4'" . DC  A 1 8  ? -3.913  3.050   5.109   1.00 7.95  ? 8  DC  A "O4'" 1 
ATOM   149 C "C3'" . DC  A 1 8  ? -5.137  3.757   7.010   1.00 8.14  ? 8  DC  A "C3'" 1 
ATOM   150 O "O3'" . DC  A 1 8  ? -6.190  2.790   7.048   1.00 8.26  ? 8  DC  A "O3'" 1 
ATOM   151 C "C2'" . DC  A 1 8  ? -3.806  3.171   7.453   1.00 7.98  ? 8  DC  A "C2'" 1 
ATOM   152 C "C1'" . DC  A 1 8  ? -3.488  2.302   6.264   1.00 7.73  ? 8  DC  A "C1'" 1 
ATOM   153 N N1    . DC  A 1 8  ? -2.059  2.001   6.116   1.00 7.56  ? 8  DC  A N1    1 
ATOM   154 C C2    . DC  A 1 8  ? -1.706  0.764   5.623   1.00 7.56  ? 8  DC  A C2    1 
ATOM   155 O O2    . DC  A 1 8  ? -2.593  -0.070  5.363   1.00 7.53  ? 8  DC  A O2    1 
ATOM   156 N N3    . DC  A 1 8  ? -0.392  0.482   5.446   1.00 7.35  ? 8  DC  A N3    1 
ATOM   157 C C4    . DC  A 1 8  ? 0.555   1.401   5.736   1.00 7.40  ? 8  DC  A C4    1 
ATOM   158 N N4    . DC  A 1 8  ? 1.851   1.073   5.531   1.00 7.32  ? 8  DC  A N4    1 
ATOM   159 C C5    . DC  A 1 8  ? 0.219   2.669   6.244   1.00 7.20  ? 8  DC  A C5    1 
ATOM   160 C C6    . DC  A 1 8  ? -1.089  2.926   6.423   1.00 7.47  ? 8  DC  A C6    1 
ATOM   161 P P     . DG  A 1 9  ? -7.028  2.486   8.392   1.00 13.47 ? 9  DG  A P     1 
ATOM   162 O OP1   . DG  A 1 9  ? -8.426  2.830   7.963   1.00 13.30 ? 9  DG  A OP1   1 
ATOM   163 O OP2   . DG  A 1 9  ? -6.518  3.087   9.635   1.00 12.61 ? 9  DG  A OP2   1 
ATOM   164 O "O5'" . DG  A 1 9  ? -6.843  0.897   8.480   1.00 7.49  ? 9  DG  A "O5'" 1 
ATOM   165 C "C5'" . DG  A 1 9  ? -6.801  0.118   7.276   1.00 6.60  ? 9  DG  A "C5'" 1 
ATOM   166 C "C4'" . DG  A 1 9  ? -6.846  -1.339  7.647   1.00 6.13  ? 9  DG  A "C4'" 1 
ATOM   167 O "O4'" . DG  A 1 9  ? -5.507  -1.856  7.538   1.00 5.78  ? 9  DG  A "O4'" 1 
ATOM   168 C "C3'" . DG  A 1 9  ? -7.247  -1.575  9.123   1.00 6.18  ? 9  DG  A "C3'" 1 
ATOM   169 O "O3'" . DG  A 1 9  ? -7.961  -2.851  9.213   1.00 6.48  ? 9  DG  A "O3'" 1 
ATOM   170 C "C2'" . DG  A 1 9  ? -5.935  -1.429  9.852   1.00 5.53  ? 9  DG  A "C2'" 1 
ATOM   171 C "C1'" . DG  A 1 9  ? -4.934  -1.976  8.853   1.00 4.90  ? 9  DG  A "C1'" 1 
ATOM   172 N N9    . DG  A 1 9  ? -3.684  -1.219  8.887   1.00 3.97  ? 9  DG  A N9    1 
ATOM   173 C C8    . DG  A 1 9  ? -3.504  0.103   9.235   1.00 3.62  ? 9  DG  A C8    1 
ATOM   174 N N7    . DG  A 1 9  ? -2.255  0.474   9.167   1.00 3.39  ? 9  DG  A N7    1 
ATOM   175 C C5    . DG  A 1 9  ? -1.580  -0.667  8.745   1.00 3.02  ? 9  DG  A C5    1 
ATOM   176 C C6    . DG  A 1 9  ? -0.190  -0.874  8.493   1.00 3.06  ? 9  DG  A C6    1 
ATOM   177 O O6    . DG  A 1 9  ? 0.724   -0.066  8.587   1.00 2.75  ? 9  DG  A O6    1 
ATOM   178 N N1    . DG  A 1 9  ? 0.083   -2.168  8.094   1.00 2.48  ? 9  DG  A N1    1 
ATOM   179 C C2    . DG  A 1 9  ? -0.861  -3.139  7.962   1.00 2.54  ? 9  DG  A C2    1 
ATOM   180 N N2    . DG  A 1 9  ? -0.415  -4.321  7.568   1.00 1.97  ? 9  DG  A N2    1 
ATOM   181 N N3    . DG  A 1 9  ? -2.161  -2.963  8.194   1.00 2.75  ? 9  DG  A N3    1 
ATOM   182 C C4    . DG  A 1 9  ? -2.442  -1.711  8.576   1.00 3.25  ? 9  DG  A C4    1 
ATOM   183 P P     . DT  A 1 10 ? -7.942  -3.830  10.507  1.00 6.44  ? 10 DT  A P     1 
ATOM   184 O OP1   . DT  A 1 10 ? -8.907  -4.889  10.018  1.00 10.04 ? 10 DT  A OP1   1 
ATOM   185 O OP2   . DT  A 1 10 ? -8.288  -3.194  11.773  1.00 7.30  ? 10 DT  A OP2   1 
ATOM   186 O "O5'" . DT  A 1 10 ? -6.463  -4.435  10.487  1.00 4.53  ? 10 DT  A "O5'" 1 
ATOM   187 C "C5'" . DT  A 1 10 ? -6.207  -5.479  9.567   1.00 4.47  ? 10 DT  A "C5'" 1 
ATOM   188 C "C4'" . DT  A 1 10 ? -5.246  -6.484  10.151  1.00 4.41  ? 10 DT  A "C4'" 1 
ATOM   189 O "O4'" . DT  A 1 10 ? -3.912  -5.917  10.142  1.00 4.26  ? 10 DT  A "O4'" 1 
ATOM   190 C "C3'" . DT  A 1 10 ? -5.497  -6.875  11.602  1.00 4.35  ? 10 DT  A "C3'" 1 
ATOM   191 O "O3'" . DT  A 1 10 ? -4.955  -8.203  11.853  1.00 4.34  ? 10 DT  A "O3'" 1 
ATOM   192 C "C2'" . DT  A 1 10 ? -4.738  -5.781  12.327  1.00 4.31  ? 10 DT  A "C2'" 1 
ATOM   193 C "C1'" . DT  A 1 10 ? -3.464  -5.767  11.492  1.00 4.04  ? 10 DT  A "C1'" 1 
ATOM   194 N N1    . DT  A 1 10 ? -2.659  -4.524  11.620  1.00 3.59  ? 10 DT  A N1    1 
ATOM   195 C C2    . DT  A 1 10 ? -1.335  -4.571  11.226  1.00 3.34  ? 10 DT  A C2    1 
ATOM   196 O O2    . DT  A 1 10 ? -0.810  -5.576  10.807  1.00 3.05  ? 10 DT  A O2    1 
ATOM   197 N N3    . DT  A 1 10 ? -0.647  -3.396  11.365  1.00 3.21  ? 10 DT  A N3    1 
ATOM   198 C C4    . DT  A 1 10 ? -1.147  -2.218  11.849  1.00 3.34  ? 10 DT  A C4    1 
ATOM   199 O O4    . DT  A 1 10 ? -0.424  -1.245  11.918  1.00 3.29  ? 10 DT  A O4    1 
ATOM   200 C C5    . DT  A 1 10 ? -2.535  -2.238  12.250  1.00 3.32  ? 10 DT  A C5    1 
ATOM   201 C C7    . DT  A 1 10 ? -3.158  -0.990  12.794  1.00 3.49  ? 10 DT  A C7    1 
ATOM   202 C C6    . DT  A 1 10 ? -3.214  -3.371  12.113  1.00 3.55  ? 10 DT  A C6    1 
ATOM   203 O "O5'" . DC  B 1 1  ? 4.802   4.055   17.696  1.00 6.66  ? 11 DC  B "O5'" 1 
ATOM   204 C "C5'" . DC  B 1 1  ? 6.089   4.143   18.322  1.00 6.03  ? 11 DC  B "C5'" 1 
ATOM   205 C "C4'" . DC  B 1 1  ? 6.727   2.784   18.177  1.00 5.89  ? 11 DC  B "C4'" 1 
ATOM   206 O "O4'" . DC  B 1 1  ? 5.817   1.765   18.648  1.00 5.44  ? 11 DC  B "O4'" 1 
ATOM   207 C "C3'" . DC  B 1 1  ? 7.041   2.428   16.736  1.00 5.83  ? 11 DC  B "C3'" 1 
ATOM   208 O "O3'" . DC  B 1 1  ? 8.431   2.247   16.495  1.00 6.48  ? 11 DC  B "O3'" 1 
ATOM   209 C "C2'" . DC  B 1 1  ? 6.266   1.158   16.443  1.00 5.80  ? 11 DC  B "C2'" 1 
ATOM   210 C "C1'" . DC  B 1 1  ? 5.949   0.610   17.817  1.00 5.14  ? 11 DC  B "C1'" 1 
ATOM   211 N N1    . DC  B 1 1  ? 4.678   -0.163  17.810  1.00 4.41  ? 11 DC  B N1    1 
ATOM   212 C C2    . DC  B 1 1  ? 4.735   -1.534  17.682  1.00 3.97  ? 11 DC  B C2    1 
ATOM   213 O O2    . DC  B 1 1  ? 5.834   -2.089  17.559  1.00 3.85  ? 11 DC  B O2    1 
ATOM   214 N N3    . DC  B 1 1  ? 3.573   -2.243  17.682  1.00 3.82  ? 11 DC  B N3    1 
ATOM   215 C C4    . DC  B 1 1  ? 2.384   -1.615  17.801  1.00 3.94  ? 11 DC  B C4    1 
ATOM   216 N N4    . DC  B 1 1  ? 1.263   -2.367  17.801  1.00 3.69  ? 11 DC  B N4    1 
ATOM   217 C C5    . DC  B 1 1  ? 2.297   -0.218  17.924  1.00 3.90  ? 11 DC  B C5    1 
ATOM   218 C C6    . DC  B 1 1  ? 3.462   0.465   17.923  1.00 4.31  ? 11 DC  B C6    1 
ATOM   219 P P     . DG  B 1 2  ? 8.962   2.565   15.025  1.00 9.42  ? 12 DG  B P     1 
ATOM   220 O OP1   . DG  B 1 2  ? 10.306  3.140   15.169  1.00 9.68  ? 12 DG  B OP1   1 
ATOM   221 O OP2   . DG  B 1 2  ? 7.910   3.429   14.392  1.00 8.71  ? 12 DG  B OP2   1 
ATOM   222 O "O5'" . DG  B 1 2  ? 8.990   1.089   14.426  1.00 5.04  ? 12 DG  B "O5'" 1 
ATOM   223 C "C5'" . DG  B 1 2  ? 10.191  0.329   14.542  1.00 4.32  ? 12 DG  B "C5'" 1 
ATOM   224 C "C4'" . DG  B 1 2  ? 10.005  -0.985  13.832  1.00 3.99  ? 12 DG  B "C4'" 1 
ATOM   225 O "O4'" . DG  B 1 2  ? 8.806   -1.591  14.351  1.00 3.67  ? 12 DG  B "O4'" 1 
ATOM   226 C "C3'" . DG  B 1 2  ? 9.801   -0.864  12.312  1.00 3.74  ? 12 DG  B "C3'" 1 
ATOM   227 O "O3'" . DG  B 1 2  ? 10.731  -1.775  11.689  1.00 4.32  ? 12 DG  B "O3'" 1 
ATOM   228 C "C2'" . DG  B 1 2  ? 8.336   -1.130  12.094  1.00 3.52  ? 12 DG  B "C2'" 1 
ATOM   229 C "C1'" . DG  B 1 2  ? 7.927   -1.957  13.279  1.00 2.98  ? 12 DG  B "C1'" 1 
ATOM   230 N N9    . DG  B 1 2  ? 6.537   -1.688  13.663  1.00 2.01  ? 12 DG  B N9    1 
ATOM   231 C C8    . DG  B 1 2  ? 5.981   -0.473  13.993  1.00 1.80  ? 12 DG  B C8    1 
ATOM   232 N N7    . DG  B 1 2  ? 4.705   -0.550  14.272  1.00 1.55  ? 12 DG  B N7    1 
ATOM   233 C C5    . DG  B 1 2  ? 4.398   -1.901  14.117  1.00 1.29  ? 12 DG  B C5    1 
ATOM   234 C C6    . DG  B 1 2  ? 3.162   -2.597  14.284  1.00 1.11  ? 12 DG  B C6    1 
ATOM   235 O O6    . DG  B 1 2  ? 2.079   -2.138  14.589  1.00 0.69  ? 12 DG  B O6    1 
ATOM   236 N N1    . DG  B 1 2  ? 3.286   -3.947  14.041  1.00 0.87  ? 12 DG  B N1    1 
ATOM   237 C C2    . DG  B 1 2  ? 4.455   -4.560  13.679  1.00 1.13  ? 12 DG  B C2    1 
ATOM   238 N N2    . DG  B 1 2  ? 4.394   -5.874  13.475  1.00 1.14  ? 12 DG  B N2    1 
ATOM   239 N N3    . DG  B 1 2  ? 5.615   -3.932  13.512  1.00 1.36  ? 12 DG  B N3    1 
ATOM   240 C C4    . DG  B 1 2  ? 5.515   -2.613  13.748  1.00 1.59  ? 12 DG  B C4    1 
ATOM   241 P P     . DA  B 1 3  ? 10.563  -2.358  10.184  1.00 8.67  ? 13 DA  B P     1 
ATOM   242 O OP1   . DA  B 1 3  ? 11.960  -2.691  9.787   1.00 6.54  ? 13 DA  B OP1   1 
ATOM   243 O OP2   . DA  B 1 3  ? 9.875   -1.448  9.252   1.00 9.90  ? 13 DA  B OP2   1 
ATOM   244 O "O5'" . DA  B 1 3  ? 9.576   -3.578  10.577  1.00 5.67  ? 13 DA  B "O5'" 1 
ATOM   245 C "C5'" . DA  B 1 3  ? 9.905   -4.974  10.620  1.00 4.82  ? 13 DA  B "C5'" 1 
ATOM   246 C "C4'" . DA  B 1 3  ? 8.934   -5.685  9.709   1.00 4.59  ? 13 DA  B "C4'" 1 
ATOM   247 O "O4'" . DA  B 1 3  ? 7.604   -5.526  10.249  1.00 4.16  ? 13 DA  B "O4'" 1 
ATOM   248 C "C3'" . DA  B 1 3  ? 8.886   -5.085  8.308   1.00 4.51  ? 13 DA  B "C3'" 1 
ATOM   249 O "O3'" . DA  B 1 3  ? 9.256   -5.993  7.230   1.00 5.26  ? 13 DA  B "O3'" 1 
ATOM   250 C "C2'" . DA  B 1 3  ? 7.521   -4.467  8.134   1.00 4.11  ? 13 DA  B "C2'" 1 
ATOM   251 C "C1'" . DA  B 1 3  ? 6.699   -5.060  9.246   1.00 3.66  ? 13 DA  B "C1'" 1 
ATOM   252 N N9    . DA  B 1 3  ? 5.830   -4.011  9.785   1.00 2.64  ? 13 DA  B N9    1 
ATOM   253 C C8    . DA  B 1 3  ? 6.159   -2.706  10.046  1.00 2.60  ? 13 DA  B C8    1 
ATOM   254 N N7    . DA  B 1 3  ? 5.153   -1.976  10.470  1.00 2.34  ? 13 DA  B N7    1 
ATOM   255 C C5    . DA  B 1 3  ? 4.091   -2.866  10.497  1.00 1.98  ? 13 DA  B C5    1 
ATOM   256 C C6    . DA  B 1 3  ? 2.759   -2.722  10.861  1.00 1.79  ? 13 DA  B C6    1 
ATOM   257 N N6    . DA  B 1 3  ? 2.231   -1.570  11.275  1.00 1.50  ? 13 DA  B N6    1 
ATOM   258 N N1    . DA  B 1 3  ? 1.969   -3.825  10.789  1.00 1.61  ? 13 DA  B N1    1 
ATOM   259 C C2    . DA  B 1 3  ? 2.511   -5.002  10.368  1.00 1.77  ? 13 DA  B C2    1 
ATOM   260 N N3    . DA  B 1 3  ? 3.755   -5.249  9.995   1.00 2.07  ? 13 DA  B N3    1 
ATOM   261 C C4    . DA  B 1 3  ? 4.500   -4.129  10.085  1.00 2.25  ? 13 DA  B C4    1 
ATOM   262 P P     . DC  B 1 4  ? 8.752   -7.542  7.129   1.00 8.71  ? 14 DC  B P     1 
ATOM   263 O OP1   . DC  B 1 4  ? 9.394   -8.185  8.267   1.00 12.80 ? 14 DC  B OP1   1 
ATOM   264 O OP2   . DC  B 1 4  ? 9.216   -8.037  5.796   1.00 9.57  ? 14 DC  B OP2   1 
ATOM   265 O "O5'" . DC  B 1 4  ? 7.149   -7.436  7.269   1.00 6.01  ? 14 DC  B "O5'" 1 
ATOM   266 C "C5'" . DC  B 1 4  ? 6.276   -8.526  6.924   1.00 5.63  ? 14 DC  B "C5'" 1 
ATOM   267 C "C4'" . DC  B 1 4  ? 5.161   -8.068  6.002   1.00 5.44  ? 14 DC  B "C4'" 1 
ATOM   268 O "O4'" . DC  B 1 4  ? 4.382   -6.982  6.594   1.00 5.05  ? 14 DC  B "O4'" 1 
ATOM   269 C "C3'" . DC  B 1 4  ? 5.616   -7.545  4.630   1.00 5.37  ? 14 DC  B "C3'" 1 
ATOM   270 O "O3'" . DC  B 1 4  ? 4.572   -7.724  3.622   1.00 6.22  ? 14 DC  B "O3'" 1 
ATOM   271 C "C2'" . DC  B 1 4  ? 5.629   -6.035  4.887   1.00 4.93  ? 14 DC  B "C2'" 1 
ATOM   272 C "C1'" . DC  B 1 4  ? 4.312   -5.937  5.618   1.00 4.32  ? 14 DC  B "C1'" 1 
ATOM   273 N N1    . DC  B 1 4  ? 4.030   -4.632  6.247   1.00 3.78  ? 14 DC  B N1    1 
ATOM   274 C C2    . DC  B 1 4  ? 2.811   -4.438  6.864   1.00 3.43  ? 14 DC  B C2    1 
ATOM   275 O O2    . DC  B 1 4  ? 1.993   -5.376  6.913   1.00 3.20  ? 14 DC  B O2    1 
ATOM   276 N N3    . DC  B 1 4  ? 2.530   -3.215  7.395   1.00 3.16  ? 14 DC  B N3    1 
ATOM   277 C C4    . DC  B 1 4  ? 3.440   -2.216  7.328   1.00 3.29  ? 14 DC  B C4    1 
ATOM   278 N N4    . DC  B 1 4  ? 3.159   -1.010  7.855   1.00 3.14  ? 14 DC  B N4    1 
ATOM   279 C C5    . DC  B 1 4  ? 4.686   -2.400  6.722   1.00 3.29  ? 14 DC  B C5    1 
ATOM   280 C C6    . DC  B 1 4  ? 4.948   -3.606  6.201   1.00 3.59  ? 14 DC  B C6    1 
ATOM   281 P P     . DG  B 1 5  ? 4.298   -9.122  2.839   1.00 12.16 ? 15 DG  B P     1 
ATOM   282 O OP1   . DG  B 1 5  ? 4.502   -10.205 3.818   1.00 14.56 ? 15 DG  B OP1   1 
ATOM   283 O OP2   . DG  B 1 5  ? 5.097   -9.203  1.584   1.00 14.07 ? 15 DG  B OP2   1 
ATOM   284 O "O5'" . DG  B 1 5  ? 2.722   -8.990  2.506   1.00 7.00  ? 15 DG  B "O5'" 1 
ATOM   285 C "C5'" . DG  B 1 5  ? 1.826   -9.884  3.184   1.00 6.28  ? 15 DG  B "C5'" 1 
ATOM   286 C "C4'" . DG  B 1 5  ? 0.454   -9.272  3.305   1.00 5.85  ? 15 DG  B "C4'" 1 
ATOM   287 O "O4'" . DG  B 1 5  ? 0.632   -7.984  3.940   1.00 5.47  ? 15 DG  B "O4'" 1 
ATOM   288 C "C3'" . DG  B 1 5  ? -0.221  -8.966  1.968   1.00 5.75  ? 15 DG  B "C3'" 1 
ATOM   289 O "O3'" . DG  B 1 5  ? -1.655  -9.146  2.005   1.00 6.19  ? 15 DG  B "O3'" 1 
ATOM   290 C "C2'" . DG  B 1 5  ? 0.166   -7.516  1.720   1.00 5.32  ? 15 DG  B "C2'" 1 
ATOM   291 C "C1'" . DG  B 1 5  ? 0.103   -6.949  3.118   1.00 4.38  ? 15 DG  B "C1'" 1 
ATOM   292 N N9    . DG  B 1 5  ? 0.898   -5.731  3.301   1.00 3.45  ? 15 DG  B N9    1 
ATOM   293 C C8    . DG  B 1 5  ? 2.240   -5.523  3.038   1.00 3.45  ? 15 DG  B C8    1 
ATOM   294 N N7    . DG  B 1 5  ? 2.630   -4.295  3.298   1.00 2.95  ? 15 DG  B N7    1 
ATOM   295 C C5    . DG  B 1 5  ? 1.483   -3.670  3.767   1.00 2.60  ? 15 DG  B C5    1 
ATOM   296 C C6    . DG  B 1 5  ? 1.278   -2.343  4.210   1.00 2.65  ? 15 DG  B C6    1 
ATOM   297 O O6    . DG  B 1 5  ? 2.097   -1.437  4.293   1.00 2.58  ? 15 DG  B O6    1 
ATOM   298 N N1    . DG  B 1 5  ? -0.042  -2.116  4.583   1.00 2.58  ? 15 DG  B N1    1 
ATOM   299 C C2    . DG  B 1 5  ? -1.016  -3.071  4.549   1.00 2.61  ? 15 DG  B C2    1 
ATOM   300 N N2    . DG  B 1 5  ? -2.229  -2.728  4.948   1.00 2.70  ? 15 DG  B N2    1 
ATOM   301 N N3    . DG  B 1 5  ? -0.834  -4.305  4.137   1.00 2.65  ? 15 DG  B N3    1 
ATOM   302 C C4    . DG  B 1 5  ? 0.422   -4.538  3.772   1.00 2.86  ? 15 DG  B C4    1 
ATOM   303 P P     . DA  B 1 6  ? -2.481  -9.243  0.603   1.00 7.33  ? 16 DA  B P     1 
ATOM   304 O OP1   . DA  B 1 6  ? -3.241  -10.489 0.757   1.00 10.14 ? 16 DA  B OP1   1 
ATOM   305 O OP2   . DA  B 1 6  ? -1.552  -9.152  -0.533  1.00 8.55  ? 16 DA  B OP2   1 
ATOM   306 O "O5'" . DA  B 1 6  ? -3.458  -7.987  0.712   1.00 5.50  ? 16 DA  B "O5'" 1 
ATOM   307 C "C5'" . DA  B 1 6  ? -4.183  -7.834  1.940   1.00 4.73  ? 16 DA  B "C5'" 1 
ATOM   308 C "C4'" . DA  B 1 6  ? -4.894  -6.505  1.976   1.00 4.49  ? 16 DA  B "C4'" 1 
ATOM   309 O "O4'" . DA  B 1 6  ? -3.934  -5.441  2.182   1.00 4.06  ? 16 DA  B "O4'" 1 
ATOM   310 C "C3'" . DA  B 1 6  ? -5.584  -6.150  0.673   1.00 4.48  ? 16 DA  B "C3'" 1 
ATOM   311 O "O3'" . DA  B 1 6  ? -6.771  -5.364  0.896   1.00 4.41  ? 16 DA  B "O3'" 1 
ATOM   312 C "C2'" . DA  B 1 6  ? -4.484  -5.415  -0.084  1.00 4.18  ? 16 DA  B "C2'" 1 
ATOM   313 C "C1'" . DA  B 1 6  ? -3.869  -4.601  1.021   1.00 3.58  ? 16 DA  B "C1'" 1 
ATOM   314 N N9    . DA  B 1 6  ? -2.470  -4.212  0.775   1.00 3.06  ? 16 DA  B N9    1 
ATOM   315 C C8    . DA  B 1 6  ? -1.451  -4.922  0.177   1.00 2.82  ? 16 DA  B C8    1 
ATOM   316 N N7    . DA  B 1 6  ? -0.307  -4.267  0.128   1.00 2.55  ? 16 DA  B N7    1 
ATOM   317 C C5    . DA  B 1 6  ? -0.597  -3.038  0.720   1.00 2.44  ? 16 DA  B C5    1 
ATOM   318 C C6    . DA  B 1 6  ? 0.169   -1.883  0.948   1.00 2.35  ? 16 DA  B C6    1 
ATOM   319 N N6    . DA  B 1 6  ? 1.451   -1.742  0.625   1.00 2.25  ? 16 DA  B N6    1 
ATOM   320 N N1    . DA  B 1 6  ? -0.445  -0.833  1.549   1.00 2.13  ? 16 DA  B N1    1 
ATOM   321 C C2    . DA  B 1 6  ? -1.746  -0.936  1.887   1.00 2.29  ? 16 DA  B C2    1 
ATOM   322 N N3    . DA  B 1 6  ? -2.564  -1.962  1.720   1.00 2.41  ? 16 DA  B N3    1 
ATOM   323 C C4    . DA  B 1 6  ? -1.921  -2.993  1.125   1.00 2.59  ? 16 DA  B C4    1 
ATOM   324 P P     . DT  B 1 7  ? -7.793  -5.146  -0.326  1.00 6.48  ? 17 DT  B P     1 
ATOM   325 O OP1   . DT  B 1 7  ? -9.108  -5.648  0.136   1.00 3.43  ? 17 DT  B OP1   1 
ATOM   326 O OP2   . DT  B 1 7  ? -7.199  -5.801  -1.536  1.00 4.75  ? 17 DT  B OP2   1 
ATOM   327 O "O5'" . DT  B 1 7  ? -7.801  -3.554  -0.441  1.00 5.46  ? 17 DT  B "O5'" 1 
ATOM   328 C "C5'" . DT  B 1 7  ? -8.006  -2.796  0.755   1.00 5.28  ? 17 DT  B "C5'" 1 
ATOM   329 C "C4'" . DT  B 1 7  ? -7.507  -1.380  0.597   1.00 5.07  ? 17 DT  B "C4'" 1 
ATOM   330 O "O4'" . DT  B 1 7  ? -6.072  -1.312  0.481   1.00 4.85  ? 17 DT  B "O4'" 1 
ATOM   331 C "C3'" . DT  B 1 7  ? -8.049  -0.701  -0.647  1.00 5.07  ? 17 DT  B "C3'" 1 
ATOM   332 O "O3'" . DT  B 1 7  ? -8.670  0.520   -0.270  1.00 5.24  ? 17 DT  B "O3'" 1 
ATOM   333 C "C2'" . DT  B 1 7  ? -6.841  -0.548  -1.558  1.00 4.82  ? 17 DT  B "C2'" 1 
ATOM   334 C "C1'" . DT  B 1 7  ? -5.739  -0.389  -0.550  1.00 4.51  ? 17 DT  B "C1'" 1 
ATOM   335 N N1    . DT  B 1 7  ? -4.387  -0.723  -1.063  1.00 4.13  ? 17 DT  B N1    1 
ATOM   336 C C2    . DT  B 1 7  ? -3.391  0.238   -0.922  1.00 3.87  ? 17 DT  B C2    1 
ATOM   337 O O2    . DT  B 1 7  ? -3.601  1.307   -0.423  1.00 4.08  ? 17 DT  B O2    1 
ATOM   338 N N3    . DT  B 1 7  ? -2.163  -0.107  -1.396  1.00 3.60  ? 17 DT  B N3    1 
ATOM   339 C C4    . DT  B 1 7  ? -1.838  -1.291  -1.968  1.00 3.66  ? 17 DT  B C4    1 
ATOM   340 O O4    . DT  B 1 7  ? -0.686  -1.479  -2.341  1.00 3.61  ? 17 DT  B O4    1 
ATOM   341 C C5    . DT  B 1 7  ? -2.929  -2.264  -2.086  1.00 3.68  ? 17 DT  B C5    1 
ATOM   342 C C7    . DT  B 1 7  ? -2.655  -3.594  -2.705  1.00 3.82  ? 17 DT  B C7    1 
ATOM   343 C C6    . DT  B 1 7  ? -4.128  -1.932  -1.632  1.00 3.87  ? 17 DT  B C6    1 
ATOM   344 P P     . DC  B 1 8  ? -9.589  1.286   -1.328  1.00 5.89  ? 18 DC  B P     1 
ATOM   345 O OP1   . DC  B 1 8  ? -10.827 1.603   -0.557  1.00 1.44  ? 18 DC  B OP1   1 
ATOM   346 O OP2   . DC  B 1 8  ? -9.652  0.472   -2.583  1.00 3.70  ? 18 DC  B OP2   1 
ATOM   347 O "O5'" . DC  B 1 8  ? -8.722  2.587   -1.637  1.00 6.81  ? 18 DC  B "O5'" 1 
ATOM   348 C "C5'" . DC  B 1 8  ? -8.312  3.456   -0.577  1.00 6.48  ? 18 DC  B "C5'" 1 
ATOM   349 C "C4'" . DC  B 1 8  ? -7.186  4.333   -1.067  1.00 6.43  ? 18 DC  B "C4'" 1 
ATOM   350 O "O4'" . DC  B 1 8  ? -6.019  3.526   -1.415  1.00 6.14  ? 18 DC  B "O4'" 1 
ATOM   351 C "C3'" . DC  B 1 8  ? -7.558  5.123   -2.345  1.00 6.39  ? 18 DC  B "C3'" 1 
ATOM   352 O "O3'" . DC  B 1 8  ? -7.043  6.458   -2.174  1.00 6.66  ? 18 DC  B "O3'" 1 
ATOM   353 C "C2'" . DC  B 1 8  ? -6.771  4.378   -3.426  1.00 6.29  ? 18 DC  B "C2'" 1 
ATOM   354 C "C1'" . DC  B 1 8  ? -5.511  4.045   -2.654  1.00 5.89  ? 18 DC  B "C1'" 1 
ATOM   355 N N1    . DC  B 1 8  ? -4.634  3.041   -3.278  1.00 5.39  ? 18 DC  B N1    1 
ATOM   356 C C2    . DC  B 1 8  ? -3.305  3.349   -3.472  1.00 5.32  ? 18 DC  B C2    1 
ATOM   357 O O2    . DC  B 1 8  ? -2.892  4.480   -3.153  1.00 4.95  ? 18 DC  B O2    1 
ATOM   358 N N3    . DC  B 1 8  ? -2.478  2.401   -4.024  1.00 5.10  ? 18 DC  B N3    1 
ATOM   359 C C4    . DC  B 1 8  ? -2.971  1.193   -4.371  1.00 5.22  ? 18 DC  B C4    1 
ATOM   360 N N4    . DC  B 1 8  ? -2.146  0.284   -4.922  1.00 5.26  ? 18 DC  B N4    1 
ATOM   361 C C5    . DC  B 1 8  ? -4.330  0.869   -4.181  1.00 5.26  ? 18 DC  B C5    1 
ATOM   362 C C6    . DC  B 1 8  ? -5.120  1.814   -3.639  1.00 5.42  ? 18 DC  B C6    1 
ATOM   363 P P     . DG  B 1 9  ? -7.890  7.791   -2.547  1.00 11.88 ? 19 DG  B P     1 
ATOM   364 O OP1   . DG  B 1 9  ? -8.021  8.522   -1.249  1.00 10.68 ? 19 DG  B OP1   1 
ATOM   365 O OP2   . DG  B 1 9  ? -9.139  7.580   -3.313  1.00 9.08  ? 19 DG  B OP2   1 
ATOM   366 O "O5'" . DG  B 1 9  ? -6.770  8.547   -3.418  1.00 7.70  ? 19 DG  B "O5'" 1 
ATOM   367 C "C5'" . DG  B 1 9  ? -5.398  8.428   -3.004  1.00 6.84  ? 19 DG  B "C5'" 1 
ATOM   368 C "C4'" . DG  B 1 9  ? -4.459  8.865   -4.102  1.00 6.63  ? 19 DG  B "C4'" 1 
ATOM   369 O "O4'" . DG  B 1 9  ? -3.679  7.732   -4.583  1.00 6.33  ? 19 DG  B "O4'" 1 
ATOM   370 C "C3'" . DG  B 1 9  ? -5.124  9.417   -5.367  1.00 6.36  ? 19 DG  B "C3'" 1 
ATOM   371 O "O3'" . DG  B 1 9  ? -4.148  10.231  -6.046  1.00 6.89  ? 19 DG  B "O3'" 1 
ATOM   372 C "C2'" . DG  B 1 9  ? -5.368  8.140   -6.140  1.00 6.10  ? 19 DG  B "C2'" 1 
ATOM   373 C "C1'" . DG  B 1 9  ? -3.994  7.527   -5.980  1.00 5.38  ? 19 DG  B "C1'" 1 
ATOM   374 N N9    . DG  B 1 9  ? -3.988  6.099   -6.307  1.00 4.57  ? 19 DG  B N9    1 
ATOM   375 C C8    . DG  B 1 9  ? -5.072  5.244   -6.362  1.00 4.40  ? 19 DG  B C8    1 
ATOM   376 N N7    . DG  B 1 9  ? -4.743  4.021   -6.699  1.00 4.27  ? 19 DG  B N7    1 
ATOM   377 C C5    . DG  B 1 9  ? -3.367  4.072   -6.879  1.00 3.79  ? 19 DG  B C5    1 
ATOM   378 C C6    . DG  B 1 9  ? -2.453  3.056   -7.276  1.00 3.76  ? 19 DG  B C6    1 
ATOM   379 O O6    . DG  B 1 9  ? -2.691  1.882   -7.527  1.00 3.37  ? 19 DG  B O6    1 
ATOM   380 N N1    . DG  B 1 9  ? -1.147  3.527   -7.354  1.00 3.38  ? 19 DG  B N1    1 
ATOM   381 C C2    . DG  B 1 9  ? -0.789  4.817   -7.090  1.00 3.44  ? 19 DG  B C2    1 
ATOM   382 N N2    . DG  B 1 9  ? 0.492   5.121   -7.192  1.00 3.22  ? 19 DG  B N2    1 
ATOM   383 N N3    . DG  B 1 9  ? -1.634  5.775   -6.724  1.00 3.59  ? 19 DG  B N3    1 
ATOM   384 C C4    . DG  B 1 9  ? -2.890  5.337   -6.639  1.00 4.02  ? 19 DG  B C4    1 
ATOM   385 P P     . DT  B 1 10 ? -4.583  11.581  -6.814  1.00 10.36 ? 20 DT  B P     1 
ATOM   386 O OP1   . DT  B 1 10 ? -3.645  12.585  -6.279  1.00 10.01 ? 20 DT  B OP1   1 
ATOM   387 O OP2   . DT  B 1 10 ? -6.013  11.890  -6.548  1.00 8.92  ? 20 DT  B OP2   1 
ATOM   388 O "O5'" . DT  B 1 10 ? -4.334  10.993  -8.312  1.00 6.78  ? 20 DT  B "O5'" 1 
ATOM   389 C "C5'" . DT  B 1 10 ? -3.316  11.416  -9.251  1.00 6.58  ? 20 DT  B "C5'" 1 
ATOM   390 C "C4'" . DT  B 1 10 ? -1.930  10.963  -8.848  1.00 6.12  ? 20 DT  B "C4'" 1 
ATOM   391 O "O4'" . DT  B 1 10 ? -1.951  9.576   -8.490  1.00 5.97  ? 20 DT  B "O4'" 1 
ATOM   392 C "C3'" . DT  B 1 10 ? -0.905  11.053  -9.969  1.00 6.09  ? 20 DT  B "C3'" 1 
ATOM   393 O "O3'" . DT  B 1 10 ? 0.434   11.344  -9.525  1.00 6.06  ? 20 DT  B "O3'" 1 
ATOM   394 C "C2'" . DT  B 1 10 ? -1.024  9.690   -10.629 1.00 5.87  ? 20 DT  B "C2'" 1 
ATOM   395 C "C1'" . DT  B 1 10 ? -1.223  8.795   -9.438  1.00 5.51  ? 20 DT  B "C1'" 1 
ATOM   396 N N1    . DT  B 1 10 ? -1.992  7.554   -9.706  1.00 5.11  ? 20 DT  B N1    1 
ATOM   397 C C2    . DT  B 1 10 ? -1.283  6.417   -10.043 1.00 4.97  ? 20 DT  B C2    1 
ATOM   398 O O2    . DT  B 1 10 ? -0.078  6.416   -10.143 1.00 4.89  ? 20 DT  B O2    1 
ATOM   399 N N3    . DT  B 1 10 ? -2.039  5.297   -10.270 1.00 4.98  ? 20 DT  B N3    1 
ATOM   400 C C4    . DT  B 1 10 ? -3.404  5.221   -10.179 1.00 4.94  ? 20 DT  B C4    1 
ATOM   401 O O4    . DT  B 1 10 ? -3.972  4.162   -10.407 1.00 4.83  ? 20 DT  B O4    1 
ATOM   402 C C5    . DT  B 1 10 ? -4.077  6.441   -9.815  1.00 4.82  ? 20 DT  B C5    1 
ATOM   403 C C7    . DT  B 1 10 ? -5.566  6.432   -9.701  1.00 5.23  ? 20 DT  B C7    1 
ATOM   404 C C6    . DT  B 1 10 ? -3.351  7.531   -9.596  1.00 4.96  ? 20 DT  B C6    1 
HETATM 405 O O     . HOH C 2 .  ? -7.878  -3.195  -14.065 1.00 5.52  ? 22 HOH A O     1 
HETATM 406 O O     . HOH C 2 .  ? 10.819  3.813   -8.685  1.00 21.80 ? 23 HOH A O     1 
HETATM 407 O O     . HOH C 2 .  ? 2.781   -5.562  -17.529 1.00 31.88 ? 24 HOH A O     1 
HETATM 408 O O     . HOH C 2 .  ? -9.561  -8.150  10.828  1.00 19.13 ? 26 HOH A O     1 
HETATM 409 O O     . HOH C 2 .  ? 11.658  2.227   -5.263  1.00 5.41  ? 27 HOH A O     1 
HETATM 410 O O     . HOH C 2 .  ? -1.630  -12.192 -17.229 1.00 9.02  ? 28 HOH A O     1 
HETATM 411 O O     . HOH C 2 .  ? -3.545  -1.249  -10.605 1.00 16.89 ? 32 HOH A O     1 
HETATM 412 O O     . HOH C 2 .  ? -1.660  5.964   10.130  1.00 13.91 ? 33 HOH A O     1 
HETATM 413 O O     . HOH C 2 .  ? -4.945  -1.434  3.924   1.00 24.78 ? 34 HOH A O     1 
HETATM 414 O O     . HOH C 2 .  ? -6.892  1.933   3.390   1.00 7.20  ? 35 HOH A O     1 
HETATM 415 O O     . HOH C 2 .  ? 5.446   1.432   -0.971  1.00 19.43 ? 37 HOH A O     1 
HETATM 416 O O     . HOH C 2 .  ? -6.210  9.816   8.808   1.00 24.29 ? 40 HOH A O     1 
HETATM 417 O O     . HOH C 2 .  ? -5.282  -4.943  6.157   1.00 21.70 ? 41 HOH A O     1 
HETATM 418 O O     . HOH C 2 .  ? 9.089   2.865   -2.005  1.00 15.37 ? 42 HOH A O     1 
HETATM 419 O O     . HOH C 2 .  ? -7.018  4.613   14.495  1.00 9.05  ? 44 HOH A O     1 
HETATM 420 O O     . HOH C 2 .  ? -1.714  -8.426  -14.160 1.00 4.93  ? 46 HOH A O     1 
HETATM 421 O O     . HOH C 2 .  ? 7.865   3.176   2.109   1.00 17.98 ? 50 HOH A O     1 
HETATM 422 O O     . HOH C 2 .  ? -7.098  -3.391  -10.462 1.00 22.58 ? 53 HOH A O     1 
HETATM 423 O O     . HOH C 2 .  ? -3.987  5.014   1.231   1.00 18.28 ? 63 HOH A O     1 
HETATM 424 O O     . HOH C 2 .  ? -8.813  -6.424  -14.828 1.00 2.78  ? 64 HOH A O     1 
HETATM 425 O O     . HOH C 2 .  ? 6.781   1.581   -13.496 1.00 18.71 ? 65 HOH A O     1 
HETATM 426 O O     . HOH C 2 .  ? -6.436  -7.124  -19.336 1.00 13.37 ? 66 HOH A O     1 
HETATM 427 O O     . HOH C 2 .  ? -10.428 -3.407  14.296  1.00 33.21 ? 68 HOH A O     1 
HETATM 428 O O     . HOH C 2 .  ? -5.001  1.877   11.419  1.00 18.46 ? 70 HOH A O     1 
HETATM 429 O O     . HOH C 2 .  ? -2.553  -7.183  7.143   1.00 19.72 ? 71 HOH A O     1 
HETATM 430 O O     . HOH C 2 .  ? -3.140  -1.803  -20.852 1.00 22.07 ? 72 HOH A O     1 
HETATM 431 O O     . HOH C 2 .  ? 4.302   -5.424  -9.945  1.00 18.94 ? 73 HOH A O     1 
HETATM 432 O O     . HOH C 2 .  ? -0.889  -8.231  -11.153 1.00 15.59 ? 75 HOH A O     1 
HETATM 433 O O     . HOH C 2 .  ? -3.933  -4.647  -10.950 1.00 22.86 ? 76 HOH A O     1 
HETATM 434 O O     . HOH C 2 .  ? 4.287   9.076   -5.010  1.00 21.86 ? 80 HOH A O     1 
HETATM 435 O O     . HOH C 2 .  ? -7.032  -2.902  -21.474 1.00 18.27 ? 81 HOH A O     1 
HETATM 436 O O     . HOH C 2 .  ? 7.080   6.477   -9.101  1.00 16.08 ? 83 HOH A O     1 
HETATM 437 O O     . HOH C 2 .  ? -0.620  -3.674  -7.230  1.00 25.46 ? 84 HOH A O     1 
HETATM 438 O O     . HOH C 2 .  ? 3.044   -11.478 -19.903 1.00 14.20 ? 87 HOH A O     1 
HETATM 439 O O     . HOH C 2 .  ? -9.540  -6.246  13.705  1.00 28.82 ? 88 HOH A O     1 
HETATM 440 O O     . HOH D 2 .  ? -6.522  7.542   1.204   1.00 20.87 ? 21 HOH B O     1 
HETATM 441 O O     . HOH D 2 .  ? 13.107  -3.871  12.417  1.00 18.66 ? 25 HOH B O     1 
HETATM 442 O O     . HOH D 2 .  ? 2.877   -3.721  -0.160  1.00 27.21 ? 29 HOH B O     1 
HETATM 443 O O     . HOH D 2 .  ? -3.478  -1.904  -6.048  1.00 15.06 ? 30 HOH B O     1 
HETATM 444 O O     . HOH D 2 .  ? -7.512  3.585   -10.321 1.00 15.32 ? 31 HOH B O     1 
HETATM 445 O O     . HOH D 2 .  ? 6.715   -7.616  14.543  1.00 19.33 ? 36 HOH B O     1 
HETATM 446 O O     . HOH D 2 .  ? -8.958  -1.895  3.755   1.00 14.68 ? 38 HOH B O     1 
HETATM 447 O O     . HOH D 2 .  ? 3.505   1.599   14.725  1.00 13.89 ? 39 HOH B O     1 
HETATM 448 O O     . HOH D 2 .  ? 7.468   -9.876  -0.761  1.00 26.41 ? 43 HOH B O     1 
HETATM 449 O O     . HOH D 2 .  ? 8.501   -13.275 0.177   1.00 15.25 ? 45 HOH B O     1 
HETATM 450 O O     . HOH D 2 .  ? -7.943  -4.644  3.341   1.00 18.92 ? 47 HOH B O     1 
HETATM 451 O O     . HOH D 2 .  ? 5.769   0.441   7.789   1.00 6.98  ? 48 HOH B O     1 
HETATM 452 O O     . HOH D 2 .  ? 2.656   12.661  -4.940  1.00 1.64  ? 49 HOH B O     1 
HETATM 453 O O     . HOH D 2 .  ? 12.122  -15.009 9.014   1.00 11.27 ? 51 HOH B O     1 
HETATM 454 O O     . HOH D 2 .  ? 5.762   -8.331  10.513  1.00 14.93 ? 52 HOH B O     1 
HETATM 455 O O     . HOH D 2 .  ? 6.508   3.286   5.208   1.00 23.01 ? 54 HOH B O     1 
HETATM 456 O O     . HOH D 2 .  ? 1.128   9.563   -3.235  1.00 22.29 ? 55 HOH B O     1 
HETATM 457 O O     . HOH D 2 .  ? -0.859  -0.709  17.776  1.00 21.32 ? 56 HOH B O     1 
HETATM 458 O O     . HOH D 2 .  ? 7.130   -1.100  1.167   1.00 21.46 ? 57 HOH B O     1 
HETATM 459 O O     . HOH D 2 .  ? 0.385   -6.742  -3.787  1.00 10.07 ? 58 HOH B O     1 
HETATM 460 O O     . HOH D 2 .  ? 5.430   -0.635  3.758   1.00 20.17 ? 59 HOH B O     1 
HETATM 461 O O     . HOH D 2 .  ? 9.233   -3.093  5.552   1.00 13.13 ? 60 HOH B O     1 
HETATM 462 O O     . HOH D 2 .  ? -2.396  -10.959 -3.648  1.00 23.67 ? 61 HOH B O     1 
HETATM 463 O O     . HOH D 2 .  ? 0.644   8.572   -6.417  1.00 23.31 ? 62 HOH B O     1 
HETATM 464 O O     . HOH D 2 .  ? -7.033  -2.657  -3.942  1.00 15.64 ? 67 HOH B O     1 
HETATM 465 O O     . HOH D 2 .  ? 9.737   -0.488  18.940  1.00 21.68 ? 69 HOH B O     1 
HETATM 466 O O     . HOH D 2 .  ? 11.848  2.884   12.494  1.00 18.80 ? 74 HOH B O     1 
HETATM 467 O O     . HOH D 2 .  ? 2.701   -9.675  -6.600  1.00 14.41 ? 77 HOH B O     1 
HETATM 468 O O     . HOH D 2 .  ? -9.407  7.027   -10.710 1.00 18.11 ? 78 HOH B O     1 
HETATM 469 O O     . HOH D 2 .  ? -7.830  -8.658  3.291   1.00 14.91 ? 79 HOH B O     1 
HETATM 470 O O     . HOH D 2 .  ? -12.820 3.217   -3.735  1.00 23.92 ? 82 HOH B O     1 
HETATM 471 O O     . HOH D 2 .  ? -7.358  11.697  -2.929  1.00 25.00 ? 85 HOH B O     1 
HETATM 472 O O     . HOH D 2 .  ? -4.980  1.691   -7.582  1.00 18.35 ? 86 HOH B O     1 
# 
